data_5RC9
#
_entry.id   5RC9
#
_cell.length_a   45.224
_cell.length_b   72.932
_cell.length_c   52.400
_cell.angle_alpha   90.000
_cell.angle_beta   109.240
_cell.angle_gamma   90.000
#
_symmetry.space_group_name_H-M   'P 1 21 1'
#
loop_
_entity.id
_entity.type
_entity.pdbx_description
1 polymer Endothiapepsin
2 non-polymer 3-ethoxybenzene-1-carboximidamide
3 non-polymer 'DIMETHYL SULFOXIDE'
4 non-polymer GLYCEROL
5 non-polymer 'ACETATE ION'
6 non-polymer 'TETRAETHYLENE GLYCOL'
7 water water
#
_entity_poly.entity_id   1
_entity_poly.type   'polypeptide(L)'
_entity_poly.pdbx_seq_one_letter_code
;MSSPLKNALVTAMLAGGALSSPTKQHVGIPVNASPEVGPGKYSFKQVRNPNYKFNGPLSVKKTYLKYGVPIPAWLEDAVQ
NSTSGLAERSTGSATTTPIDSLDDAYITPVQIGTPAQTLNLDFDTGSSDLWVFSSETTASEVDGQTIYTPSKSTTAKLLS
GATWSISYGDGSSSSGDVYTDTVSVGGLTVTGQAVESAKKVSSSFTEDSTIDGLLGLAFSTLNTVSPTQQKTFFDNAKAS
LDSPVFTADLGYHAPGTYNFGFIDTTAYTGSITYTAVSTKQGFWEWTSTGYAVGSGTFKSTSIDGIADTGTTLLYLPATV
VSAYWAQVSGAKSSSSVGGYVFPCSATLPSFTFGVGSARIVIPGDYIDFGPISTGSSSCFGGIQSSAGIGINIFGDVALK
AAFVVFNGATTPTLGFASK
;
_entity_poly.pdbx_strand_id   A
#
loop_
_chem_comp.id
_chem_comp.type
_chem_comp.name
_chem_comp.formula
ACT non-polymer 'ACETATE ION' 'C2 H3 O2 -1'
DMS non-polymer 'DIMETHYL SULFOXIDE' 'C2 H6 O S'
GOL non-polymer GLYCEROL 'C3 H8 O3'
PG4 non-polymer 'TETRAETHYLENE GLYCOL' 'C8 H18 O5'
RD4 non-polymer 3-ethoxybenzene-1-carboximidamide 'C9 H12 N2 O'
#
# COMPACT_ATOMS: atom_id res chain seq x y z
N SER A 90 -1.96 -24.29 8.13
CA SER A 90 -0.69 -23.53 8.08
C SER A 90 -0.96 -22.06 8.42
N THR A 91 0.11 -21.39 8.77
CA THR A 91 0.07 -19.92 9.02
C THR A 91 1.36 -19.34 8.49
N GLY A 92 1.39 -18.01 8.38
CA GLY A 92 2.61 -17.28 8.15
C GLY A 92 2.56 -15.97 8.91
N SER A 93 3.73 -15.41 9.20
CA SER A 93 3.82 -14.16 9.94
C SER A 93 5.05 -13.42 9.50
N ALA A 94 4.96 -12.23 8.95
CA ALA A 94 6.10 -11.49 8.43
C ALA A 94 6.04 -10.09 8.97
N THR A 95 7.19 -9.49 9.22
CA THR A 95 7.30 -8.09 9.62
C THR A 95 7.30 -7.22 8.42
N THR A 96 6.58 -6.12 8.49
CA THR A 96 6.54 -5.11 7.42
C THR A 96 7.15 -3.82 7.95
N THR A 97 7.95 -3.15 7.13
CA THR A 97 8.84 -2.07 7.62
C THR A 97 8.61 -0.85 6.75
N PRO A 98 8.47 0.34 7.32
N PRO A 98 8.28 0.37 7.27
N PRO A 98 8.50 0.34 7.34
N PRO A 98 8.42 0.35 7.31
CA PRO A 98 8.27 1.53 6.50
CA PRO A 98 8.18 1.53 6.37
CA PRO A 98 8.44 1.56 6.56
CA PRO A 98 8.39 1.56 6.50
C PRO A 98 9.52 1.81 5.64
C PRO A 98 9.47 1.79 5.60
C PRO A 98 9.66 1.70 5.66
C PRO A 98 9.65 1.72 5.66
N ILE A 99 9.30 2.23 4.40
N ILE A 99 9.30 2.23 4.36
N ILE A 99 9.47 2.23 4.47
N ILE A 99 9.48 2.21 4.45
CA ILE A 99 10.43 2.46 3.45
CA ILE A 99 10.44 2.47 3.42
CA ILE A 99 10.64 2.41 3.59
CA ILE A 99 10.66 2.41 3.59
C ILE A 99 11.17 3.76 3.78
C ILE A 99 11.17 3.77 3.76
C ILE A 99 11.35 3.70 3.94
C ILE A 99 11.35 3.71 3.95
N ASP A 100 10.66 4.62 4.66
N ASP A 100 10.66 4.62 4.66
N ASP A 100 10.60 4.67 4.43
N ASP A 100 10.60 4.67 4.43
CA ASP A 100 11.25 5.94 4.96
CA ASP A 100 11.25 5.94 4.96
CA ASP A 100 11.21 6.00 4.64
CA ASP A 100 11.20 6.00 4.65
C ASP A 100 10.59 6.51 6.21
C ASP A 100 10.59 6.51 6.21
C ASP A 100 10.63 6.57 5.93
C ASP A 100 10.63 6.57 5.93
N SER A 101 11.10 7.64 6.73
N SER A 101 11.10 7.64 6.73
N SER A 101 10.98 7.83 6.17
N SER A 101 10.97 7.82 6.17
CA SER A 101 10.70 8.22 8.03
CA SER A 101 10.70 8.22 8.03
CA SER A 101 10.63 8.53 7.43
CA SER A 101 10.63 8.53 7.43
C SER A 101 9.25 8.70 8.04
C SER A 101 9.25 8.70 8.04
C SER A 101 9.16 8.97 7.41
C SER A 101 9.16 8.97 7.41
N LEU A 102 8.59 8.73 6.88
N LEU A 102 8.59 8.73 6.88
N LEU A 102 8.48 8.89 6.28
N LEU A 102 8.48 8.89 6.28
CA LEU A 102 7.22 9.27 6.70
CA LEU A 102 7.22 9.27 6.70
CA LEU A 102 7.08 9.37 6.16
CA LEU A 102 7.08 9.37 6.16
C LEU A 102 6.19 8.15 6.50
C LEU A 102 6.19 8.15 6.50
C LEU A 102 6.12 8.20 6.28
C LEU A 102 6.12 8.20 6.28
N ASP A 103 6.61 6.89 6.61
N ASP A 103 6.61 6.88 6.60
N ASP A 103 6.57 6.96 6.19
N ASP A 103 6.57 6.96 6.19
CA ASP A 103 5.74 5.72 6.32
CA ASP A 103 5.74 5.72 6.32
CA ASP A 103 5.64 5.81 6.00
CA ASP A 103 5.64 5.81 6.00
C ASP A 103 5.10 5.84 4.94
C ASP A 103 5.11 5.85 4.93
C ASP A 103 5.02 5.93 4.61
C ASP A 103 5.02 5.93 4.61
N ASP A 104 5.86 6.18 3.89
N ASP A 104 5.86 6.18 3.89
N ASP A 104 5.81 6.31 3.63
N ASP A 104 5.81 6.31 3.63
CA ASP A 104 5.24 6.33 2.55
CA ASP A 104 5.24 6.33 2.55
CA ASP A 104 5.29 6.42 2.24
CA ASP A 104 5.29 6.42 2.24
C ASP A 104 4.76 4.99 1.98
C ASP A 104 4.76 4.99 1.98
C ASP A 104 4.78 5.06 1.80
C ASP A 104 4.77 5.06 1.80
N ALA A 105 5.36 3.90 2.40
N ALA A 105 5.35 3.90 2.39
N ALA A 105 5.51 4.03 2.17
N ALA A 105 5.51 4.03 2.17
CA ALA A 105 4.89 2.54 2.06
CA ALA A 105 4.89 2.54 2.06
CA ALA A 105 5.15 2.66 1.82
CA ALA A 105 5.15 2.66 1.82
C ALA A 105 5.65 1.63 3.00
C ALA A 105 5.66 1.64 2.99
C ALA A 105 5.76 1.74 2.86
C ALA A 105 5.77 1.74 2.85
N TYR A 106 5.30 0.37 2.96
N TYR A 106 5.30 0.37 2.96
N TYR A 106 5.32 0.50 2.86
N TYR A 106 5.32 0.49 2.85
CA TYR A 106 5.88 -0.67 3.82
CA TYR A 106 5.88 -0.67 3.82
CA TYR A 106 5.82 -0.57 3.76
CA TYR A 106 5.81 -0.56 3.76
C TYR A 106 6.36 -1.79 2.91
C TYR A 106 6.36 -1.79 2.91
C TYR A 106 6.29 -1.76 2.94
C TYR A 106 6.28 -1.76 2.94
N ILE A 107 7.46 -2.39 3.31
N ILE A 107 7.46 -2.39 3.31
N ILE A 107 7.48 -2.25 3.23
N ILE A 107 7.47 -2.25 3.22
CA ILE A 107 8.05 -3.52 2.58
CA ILE A 107 8.05 -3.52 2.58
CA ILE A 107 8.00 -3.44 2.52
CA ILE A 107 8.00 -3.44 2.52
C ILE A 107 8.17 -4.73 3.49
C ILE A 107 8.17 -4.73 3.49
C ILE A 107 8.03 -4.63 3.46
C ILE A 107 8.03 -4.63 3.46
N THR A 108 7.90 -5.86 2.88
N THR A 108 7.90 -5.86 2.88
N THR A 108 7.84 -5.81 2.88
N THR A 108 7.84 -5.81 2.88
CA THR A 108 7.79 -7.14 3.57
CA THR A 108 7.79 -7.14 3.57
CA THR A 108 7.85 -7.10 3.59
CA THR A 108 7.85 -7.10 3.59
C THR A 108 8.67 -8.11 2.81
C THR A 108 8.67 -8.11 2.81
C THR A 108 8.72 -8.05 2.81
C THR A 108 8.72 -8.05 2.81
N PRO A 109 9.62 -8.81 3.46
CA PRO A 109 10.45 -9.74 2.74
C PRO A 109 9.64 -10.96 2.29
N VAL A 110 9.91 -11.38 1.05
CA VAL A 110 9.23 -12.49 0.40
C VAL A 110 10.30 -13.39 -0.24
N GLN A 111 10.19 -14.69 0.02
CA GLN A 111 11.11 -15.65 -0.58
C GLN A 111 10.53 -16.20 -1.86
N ILE A 112 11.28 -16.11 -2.94
CA ILE A 112 10.81 -16.61 -4.25
C ILE A 112 11.84 -17.59 -4.80
N GLY A 113 11.41 -18.74 -5.23
CA GLY A 113 12.29 -19.67 -5.94
C GLY A 113 13.08 -20.58 -5.04
N THR A 114 13.91 -21.38 -5.70
CA THR A 114 14.73 -22.43 -5.03
C THR A 114 16.10 -22.42 -5.65
N PRO A 115 17.19 -22.10 -4.94
CA PRO A 115 17.17 -21.62 -3.55
C PRO A 115 16.45 -20.26 -3.48
N ALA A 116 16.05 -19.88 -2.27
CA ALA A 116 15.24 -18.67 -2.07
C ALA A 116 15.99 -17.47 -2.57
N GLN A 117 15.26 -16.60 -3.22
CA GLN A 117 15.66 -15.25 -3.56
C GLN A 117 14.75 -14.34 -2.75
N THR A 118 15.26 -13.54 -1.84
CA THR A 118 14.44 -12.70 -0.98
C THR A 118 14.34 -11.33 -1.60
N LEU A 119 13.10 -10.92 -1.88
CA LEU A 119 12.80 -9.58 -2.40
C LEU A 119 11.89 -8.89 -1.41
N ASN A 120 11.99 -7.58 -1.32
N ASN A 120 11.99 -7.58 -1.32
N ASN A 120 12.04 -7.58 -1.31
N ASN A 120 12.04 -7.58 -1.31
CA ASN A 120 11.14 -6.80 -0.41
CA ASN A 120 11.14 -6.80 -0.41
CA ASN A 120 11.23 -6.72 -0.42
CA ASN A 120 11.23 -6.72 -0.42
C ASN A 120 9.98 -6.18 -1.18
C ASN A 120 9.98 -6.18 -1.18
C ASN A 120 10.05 -6.17 -1.23
C ASN A 120 10.05 -6.17 -1.23
N LEU A 121 8.80 -6.75 -0.94
N LEU A 121 8.81 -6.74 -0.95
N LEU A 121 8.86 -6.63 -0.91
N LEU A 121 8.86 -6.63 -0.91
CA LEU A 121 7.61 -6.40 -1.72
CA LEU A 121 7.61 -6.40 -1.72
CA LEU A 121 7.70 -6.24 -1.73
CA LEU A 121 7.70 -6.24 -1.73
C LEU A 121 6.68 -5.52 -0.91
C LEU A 121 6.68 -5.52 -0.91
C LEU A 121 6.75 -5.35 -0.93
C LEU A 121 6.75 -5.35 -0.93
N ASP A 122 5.99 -4.67 -1.65
N ASP A 122 5.99 -4.67 -1.65
N ASP A 122 5.98 -4.56 -1.66
N ASP A 122 5.98 -4.56 -1.66
CA ASP A 122 4.91 -3.83 -1.13
CA ASP A 122 4.91 -3.82 -1.12
CA ASP A 122 4.93 -3.70 -1.09
CA ASP A 122 4.93 -3.70 -1.09
C ASP A 122 3.60 -4.61 -1.15
C ASP A 122 3.60 -4.61 -1.15
C ASP A 122 3.60 -4.46 -1.16
C ASP A 122 3.60 -4.46 -1.16
N PHE A 123 3.09 -4.99 0.01
N PHE A 123 3.09 -4.99 0.01
N PHE A 123 3.11 -4.95 -0.03
N PHE A 123 3.11 -4.95 -0.03
CA PHE A 123 1.84 -5.75 0.09
CA PHE A 123 1.84 -5.75 0.09
CA PHE A 123 1.82 -5.67 0.02
CA PHE A 123 1.82 -5.67 0.02
C PHE A 123 0.67 -4.80 -0.09
C PHE A 123 0.67 -4.80 -0.09
C PHE A 123 0.71 -4.65 -0.22
C PHE A 123 0.71 -4.65 -0.22
N ASP A 124 -0.13 -5.06 -1.12
N ASP A 124 -0.13 -5.06 -1.12
N ASP A 124 -0.14 -4.96 -1.20
N ASP A 124 -0.14 -4.96 -1.20
CA ASP A 124 -1.11 -4.07 -1.62
CA ASP A 124 -1.11 -4.07 -1.62
CA ASP A 124 -1.15 -4.01 -1.69
CA ASP A 124 -1.15 -4.01 -1.69
C ASP A 124 -2.50 -4.68 -1.65
C ASP A 124 -2.50 -4.68 -1.65
C ASP A 124 -2.52 -4.69 -1.66
C ASP A 124 -2.52 -4.69 -1.66
N THR A 125 -3.33 -4.39 -0.66
CA THR A 125 -4.70 -4.90 -0.63
C THR A 125 -5.61 -4.24 -1.66
N GLY A 126 -5.10 -3.32 -2.46
N GLY A 126 -5.10 -3.32 -2.46
N GLY A 126 -5.12 -3.29 -2.43
N GLY A 126 -5.12 -3.29 -2.43
CA GLY A 126 -5.81 -2.66 -3.58
CA GLY A 126 -5.81 -2.66 -3.58
CA GLY A 126 -5.92 -2.66 -3.48
CA GLY A 126 -5.92 -2.66 -3.48
C GLY A 126 -5.33 -3.09 -4.96
C GLY A 126 -5.33 -3.09 -4.96
C GLY A 126 -5.64 -3.21 -4.87
C GLY A 126 -5.64 -3.21 -4.87
N SER A 127 -4.57 -4.17 -5.09
N SER A 127 -4.57 -4.17 -5.09
N SER A 127 -4.75 -4.20 -5.02
N SER A 127 -4.75 -4.20 -5.02
CA SER A 127 -4.26 -4.76 -6.40
CA SER A 127 -4.26 -4.76 -6.41
CA SER A 127 -4.51 -4.82 -6.33
CA SER A 127 -4.51 -4.82 -6.33
C SER A 127 -4.09 -6.26 -6.20
C SER A 127 -4.09 -6.26 -6.20
C SER A 127 -4.18 -6.30 -6.19
C SER A 127 -4.18 -6.30 -6.19
N SER A 128 -4.00 -6.97 -7.32
CA SER A 128 -4.06 -8.43 -7.31
C SER A 128 -2.96 -9.06 -8.12
N ASP A 129 -1.88 -8.37 -8.36
CA ASP A 129 -0.72 -8.89 -9.11
C ASP A 129 0.47 -9.00 -8.14
N LEU A 130 1.20 -10.09 -8.24
CA LEU A 130 2.49 -10.24 -7.57
C LEU A 130 3.52 -10.04 -8.66
N TRP A 131 4.16 -8.89 -8.68
CA TRP A 131 5.13 -8.62 -9.74
C TRP A 131 6.45 -8.17 -9.10
N VAL A 132 7.52 -8.43 -9.81
CA VAL A 132 8.87 -8.19 -9.28
C VAL A 132 9.76 -7.61 -10.33
N PHE A 133 10.70 -6.78 -9.89
N PHE A 133 10.70 -6.78 -9.89
N PHE A 133 10.67 -6.74 -9.91
N PHE A 133 10.67 -6.74 -9.91
CA PHE A 133 11.92 -6.50 -10.63
CA PHE A 133 11.92 -6.50 -10.63
CA PHE A 133 11.88 -6.42 -10.69
CA PHE A 133 11.88 -6.42 -10.69
C PHE A 133 12.60 -7.83 -10.93
C PHE A 133 12.60 -7.83 -10.93
C PHE A 133 12.62 -7.75 -10.92
C PHE A 133 12.62 -7.75 -10.92
N SER A 134 13.19 -7.92 -12.10
CA SER A 134 13.74 -9.19 -12.50
C SER A 134 14.96 -9.02 -13.40
N SER A 135 15.56 -10.17 -13.71
CA SER A 135 16.65 -10.25 -14.73
C SER A 135 16.13 -9.85 -16.08
N GLU A 136 14.84 -9.72 -16.30
CA GLU A 136 14.24 -9.34 -17.59
C GLU A 136 13.97 -7.85 -17.60
N THR A 137 14.08 -7.15 -16.49
CA THR A 137 13.69 -5.74 -16.47
C THR A 137 14.75 -4.94 -17.26
N THR A 138 14.29 -4.13 -18.17
CA THR A 138 15.15 -3.20 -18.94
C THR A 138 16.21 -2.62 -18.02
N ALA A 139 17.48 -2.76 -18.36
CA ALA A 139 18.57 -2.48 -17.42
C ALA A 139 18.56 -1.03 -16.96
N SER A 140 18.27 -0.08 -17.84
CA SER A 140 18.23 1.35 -17.51
C SER A 140 17.08 1.70 -16.56
N GLU A 141 16.15 0.74 -16.34
CA GLU A 141 14.98 0.96 -15.45
C GLU A 141 15.23 0.33 -14.06
N VAL A 142 16.38 -0.26 -13.85
CA VAL A 142 16.72 -0.84 -12.52
C VAL A 142 17.77 0.08 -11.93
N ASP A 143 17.55 0.52 -10.69
N ASP A 143 17.55 0.52 -10.69
N ASP A 143 17.54 0.57 -10.71
N ASP A 143 17.54 0.57 -10.71
CA ASP A 143 18.46 1.43 -9.93
CA ASP A 143 18.46 1.42 -9.94
CA ASP A 143 18.55 1.36 -9.97
CA ASP A 143 18.55 1.36 -9.97
C ASP A 143 18.46 1.03 -8.45
C ASP A 143 18.46 1.02 -8.46
C ASP A 143 18.48 1.02 -8.49
C ASP A 143 18.48 1.02 -8.49
N GLY A 144 19.11 -0.08 -8.10
CA GLY A 144 19.30 -0.46 -6.70
C GLY A 144 18.37 -1.52 -6.20
N GLN A 145 17.35 -1.89 -6.97
N GLN A 145 17.35 -1.89 -6.97
N GLN A 145 17.30 -1.83 -6.93
N GLN A 145 17.30 -1.83 -6.93
CA GLN A 145 16.39 -2.93 -6.54
CA GLN A 145 16.40 -2.93 -6.53
CA GLN A 145 16.32 -2.87 -6.50
CA GLN A 145 16.32 -2.87 -6.50
C GLN A 145 17.10 -4.28 -6.51
C GLN A 145 17.10 -4.28 -6.51
C GLN A 145 16.98 -4.26 -6.60
C GLN A 145 16.98 -4.26 -6.60
N THR A 146 16.58 -5.18 -5.71
CA THR A 146 16.94 -6.57 -5.80
C THR A 146 16.06 -7.20 -6.87
N ILE A 147 16.62 -8.01 -7.72
CA ILE A 147 15.87 -8.62 -8.84
C ILE A 147 15.70 -10.11 -8.60
N TYR A 148 14.59 -10.61 -9.11
CA TYR A 148 14.32 -12.04 -9.24
C TYR A 148 14.95 -12.56 -10.55
N THR A 149 15.71 -13.63 -10.46
CA THR A 149 16.32 -14.26 -11.67
C THR A 149 15.76 -15.66 -11.80
N PRO A 150 14.73 -15.85 -12.62
CA PRO A 150 14.11 -17.14 -12.71
C PRO A 150 15.06 -18.25 -13.17
N SER A 151 16.05 -17.92 -13.98
CA SER A 151 17.00 -18.92 -14.49
C SER A 151 17.83 -19.49 -13.37
N LYS A 152 17.87 -18.86 -12.19
CA LYS A 152 18.64 -19.38 -11.04
C LYS A 152 17.74 -20.18 -10.12
N SER A 153 16.45 -20.29 -10.41
CA SER A 153 15.50 -21.03 -9.55
C SER A 153 15.18 -22.36 -10.19
N THR A 154 15.40 -23.43 -9.46
CA THR A 154 15.14 -24.77 -9.98
C THR A 154 13.67 -25.06 -10.08
N THR A 155 12.86 -24.21 -9.47
N THR A 155 12.86 -24.20 -9.48
N THR A 155 12.77 -24.34 -9.38
N THR A 155 12.77 -24.34 -9.38
CA THR A 155 11.40 -24.37 -9.45
CA THR A 155 11.41 -24.37 -9.46
CA THR A 155 11.30 -24.62 -9.34
CA THR A 155 11.30 -24.62 -9.34
C THR A 155 10.74 -23.37 -10.41
C THR A 155 10.73 -23.37 -10.41
C THR A 155 10.51 -23.66 -10.24
C THR A 155 10.51 -23.65 -10.25
N ALA A 156 11.48 -22.43 -11.03
N ALA A 156 11.44 -22.44 -11.05
N ALA A 156 11.20 -22.75 -10.92
N ALA A 156 11.20 -22.75 -10.92
CA ALA A 156 10.88 -21.41 -11.92
CA ALA A 156 10.80 -21.45 -11.96
CA ALA A 156 10.52 -21.79 -11.80
CA ALA A 156 10.52 -21.79 -11.80
C ALA A 156 10.48 -22.08 -13.23
C ALA A 156 10.37 -22.16 -13.25
C ALA A 156 10.10 -22.49 -13.09
C ALA A 156 10.10 -22.49 -13.09
N LYS A 157 9.36 -21.69 -13.78
N LYS A 157 9.11 -21.98 -13.63
N LYS A 157 9.00 -22.01 -13.64
N LYS A 157 9.00 -22.01 -13.64
CA LYS A 157 8.87 -22.24 -15.05
CA LYS A 157 8.50 -22.53 -14.87
CA LYS A 157 8.60 -22.36 -15.02
CA LYS A 157 8.60 -22.36 -15.02
C LYS A 157 7.96 -21.22 -15.70
C LYS A 157 7.92 -21.34 -15.64
C LYS A 157 8.15 -21.07 -15.71
C LYS A 157 8.15 -21.07 -15.71
N LEU A 158 8.33 -20.92 -16.94
N LEU A 158 8.28 -21.22 -16.92
N LEU A 158 8.51 -20.84 -16.97
N LEU A 158 8.51 -20.84 -16.97
CA LEU A 158 7.63 -19.94 -17.76
CA LEU A 158 7.70 -20.13 -17.71
CA LEU A 158 7.85 -19.75 -17.73
CA LEU A 158 7.84 -19.75 -17.74
C LEU A 158 6.17 -20.37 -17.82
C LEU A 158 6.21 -20.42 -17.83
C LEU A 158 6.38 -20.15 -17.93
C LEU A 158 6.38 -20.15 -17.93
N LEU A 159 5.29 -19.43 -17.54
N LEU A 159 5.36 -19.45 -17.57
N LEU A 159 5.46 -19.24 -17.64
N LEU A 159 5.45 -19.24 -17.65
CA LEU A 159 3.88 -19.62 -17.85
CA LEU A 159 3.92 -19.61 -17.85
CA LEU A 159 4.00 -19.44 -17.86
CA LEU A 159 3.99 -19.44 -17.88
C LEU A 159 3.73 -19.17 -19.29
C LEU A 159 3.71 -19.14 -19.29
C LEU A 159 3.72 -19.00 -19.31
C LEU A 159 3.69 -18.99 -19.31
N SER A 160 3.85 -20.17 -20.15
N SER A 160 3.68 -20.12 -20.17
N SER A 160 4.10 -19.85 -20.25
N SER A 160 4.03 -19.85 -20.28
CA SER A 160 4.07 -19.91 -21.58
CA SER A 160 3.85 -19.83 -21.60
CA SER A 160 4.22 -19.53 -21.68
CA SER A 160 4.15 -19.48 -21.70
C SER A 160 2.91 -19.06 -22.09
C SER A 160 2.73 -18.95 -22.11
C SER A 160 2.96 -18.83 -22.18
C SER A 160 2.90 -18.75 -22.20
N GLY A 161 3.23 -17.94 -22.72
N GLY A 161 3.15 -17.88 -22.76
N GLY A 161 3.13 -17.69 -22.85
N GLY A 161 3.13 -17.65 -22.89
CA GLY A 161 2.25 -17.09 -23.41
CA GLY A 161 2.26 -16.95 -23.48
CA GLY A 161 2.02 -16.98 -23.47
CA GLY A 161 2.05 -16.87 -23.52
C GLY A 161 1.69 -15.94 -22.59
C GLY A 161 1.67 -15.88 -22.59
C GLY A 161 1.38 -16.00 -22.52
C GLY A 161 1.39 -15.96 -22.53
N ALA A 162 1.77 -16.01 -21.25
CA ALA A 162 1.09 -15.13 -20.31
C ALA A 162 1.84 -13.79 -20.24
N THR A 163 1.08 -12.71 -20.27
CA THR A 163 1.64 -11.38 -20.07
C THR A 163 0.77 -10.63 -19.08
N TRP A 164 1.31 -9.50 -18.62
CA TRP A 164 0.61 -8.68 -17.64
C TRP A 164 0.99 -7.23 -17.86
N SER A 165 0.10 -6.38 -17.40
CA SER A 165 0.34 -4.93 -17.51
C SER A 165 -0.60 -4.27 -16.53
N ILE A 166 -0.06 -3.41 -15.68
N ILE A 166 -0.06 -3.41 -15.68
N ILE A 166 -0.05 -3.36 -15.72
N ILE A 166 -0.05 -3.36 -15.72
CA ILE A 166 -0.91 -2.77 -14.64
CA ILE A 166 -0.91 -2.77 -14.64
CA ILE A 166 -0.81 -2.73 -14.60
CA ILE A 166 -0.81 -2.73 -14.60
C ILE A 166 -0.67 -1.27 -14.67
C ILE A 166 -0.67 -1.27 -14.67
C ILE A 166 -0.38 -1.27 -14.38
C ILE A 166 -0.38 -1.27 -14.38
N SER A 167 -1.75 -0.52 -14.41
N SER A 167 -1.75 -0.52 -14.41
N SER A 167 -1.34 -0.48 -13.90
N SER A 167 -1.33 -0.48 -13.90
CA SER A 167 -1.74 0.94 -14.23
CA SER A 167 -1.74 0.94 -14.23
CA SER A 167 -1.16 0.96 -13.55
CA SER A 167 -1.16 0.96 -13.55
C SER A 167 -2.31 1.23 -12.84
C SER A 167 -2.31 1.23 -12.84
C SER A 167 -1.63 1.19 -12.11
C SER A 167 -1.63 1.19 -12.11
N TYR A 168 -1.56 1.92 -11.97
N TYR A 168 -1.56 1.92 -11.97
N TYR A 168 -1.09 2.22 -11.47
N TYR A 168 -1.09 2.22 -11.47
CA TYR A 168 -2.00 2.22 -10.58
CA TYR A 168 -2.00 2.22 -10.58
CA TYR A 168 -1.35 2.52 -10.03
CA TYR A 168 -1.35 2.52 -10.03
C TYR A 168 -2.64 3.61 -10.52
C TYR A 168 -2.64 3.61 -10.52
C TYR A 168 -1.85 3.96 -9.85
C TYR A 168 -1.85 3.96 -9.85
N GLY A 169 -3.41 3.86 -9.45
N GLY A 169 -3.41 3.85 -9.45
N GLY A 169 -1.94 4.76 -10.92
N GLY A 169 -1.94 4.75 -10.91
CA GLY A 169 -4.18 5.09 -9.23
CA GLY A 169 -4.18 5.09 -9.23
CA GLY A 169 -2.75 5.99 -10.85
CA GLY A 169 -2.75 5.99 -10.85
C GLY A 169 -3.31 6.34 -9.24
C GLY A 169 -3.31 6.33 -9.23
C GLY A 169 -2.13 7.08 -9.99
C GLY A 169 -2.13 7.08 -9.99
N ASP A 170 -2.01 6.19 -8.91
N ASP A 170 -2.02 6.20 -8.91
N ASP A 170 -0.97 6.82 -9.37
N ASP A 170 -0.97 6.82 -9.37
CA ASP A 170 -1.05 7.32 -8.87
CA ASP A 170 -1.05 7.32 -8.87
CA ASP A 170 0.08 7.89 -9.26
CA ASP A 170 0.08 7.89 -9.26
C ASP A 170 -0.40 7.55 -10.25
C ASP A 170 -0.42 7.56 -10.24
C ASP A 170 0.66 8.01 -10.67
C ASP A 170 0.66 8.01 -10.67
N GLY A 171 -0.78 6.78 -11.27
N GLY A 171 -0.78 6.77 -11.25
N GLY A 171 0.05 7.28 -11.61
N GLY A 171 0.05 7.28 -11.61
CA GLY A 171 -0.29 6.95 -12.64
CA GLY A 171 -0.29 6.95 -12.64
CA GLY A 171 0.47 7.28 -13.03
CA GLY A 171 0.46 7.27 -13.02
C GLY A 171 0.87 6.04 -13.00
C GLY A 171 0.87 6.04 -12.99
C GLY A 171 1.65 6.34 -13.24
C GLY A 171 1.65 6.34 -13.24
N SER A 172 1.41 5.30 -12.04
N SER A 172 1.42 5.29 -12.04
N SER A 172 2.07 5.61 -12.22
N SER A 172 2.07 5.61 -12.22
CA SER A 172 2.63 4.46 -12.24
CA SER A 172 2.63 4.46 -12.24
CA SER A 172 3.10 4.54 -12.38
CA SER A 172 3.10 4.54 -12.38
C SER A 172 2.27 3.19 -13.01
C SER A 172 2.27 3.19 -13.01
C SER A 172 2.44 3.26 -12.94
C SER A 172 2.44 3.26 -12.94
N SER A 173 3.27 2.45 -13.54
CA SER A 173 2.90 1.24 -14.30
C SER A 173 4.08 0.33 -14.39
N SER A 174 3.73 -0.90 -14.79
CA SER A 174 4.71 -1.94 -15.06
C SER A 174 4.04 -3.03 -15.91
N SER A 175 4.89 -3.81 -16.56
CA SER A 175 4.38 -4.90 -17.41
C SER A 175 5.46 -5.91 -17.67
N GLY A 176 5.06 -7.09 -18.14
CA GLY A 176 6.03 -8.13 -18.45
C GLY A 176 5.40 -9.45 -18.75
N ASP A 177 6.23 -10.48 -18.47
N ASP A 177 6.23 -10.48 -18.47
N ASP A 177 6.11 -10.50 -18.40
N ASP A 177 6.11 -10.50 -18.40
CA ASP A 177 5.90 -11.92 -18.65
CA ASP A 177 5.90 -11.92 -18.65
CA ASP A 177 5.57 -11.86 -18.61
CA ASP A 177 5.57 -11.86 -18.61
C ASP A 177 5.80 -12.62 -17.30
C ASP A 177 5.80 -12.62 -17.30
C ASP A 177 5.51 -12.57 -17.27
C ASP A 177 5.51 -12.57 -17.27
N VAL A 178 5.61 -13.93 -17.28
N VAL A 178 5.61 -13.93 -17.28
N VAL A 178 5.23 -13.86 -17.29
N VAL A 178 5.23 -13.86 -17.29
CA VAL A 178 5.14 -14.60 -16.04
CA VAL A 178 5.14 -14.60 -16.04
CA VAL A 178 4.83 -14.54 -16.05
CA VAL A 178 4.83 -14.54 -16.05
C VAL A 178 5.82 -15.93 -15.90
C VAL A 178 5.82 -15.93 -15.90
C VAL A 178 5.64 -15.82 -15.92
C VAL A 178 5.64 -15.82 -15.92
N TYR A 179 6.37 -16.17 -14.71
N TYR A 179 6.37 -16.17 -14.71
N TYR A 179 5.96 -16.14 -14.67
N TYR A 179 5.96 -16.14 -14.67
CA TYR A 179 6.88 -17.50 -14.28
CA TYR A 179 6.88 -17.50 -14.28
CA TYR A 179 6.54 -17.43 -14.27
CA TYR A 179 6.54 -17.43 -14.27
C TYR A 179 6.02 -18.03 -13.16
C TYR A 179 6.02 -18.03 -13.16
C TYR A 179 5.63 -18.02 -13.22
C TYR A 179 5.63 -18.02 -13.22
N THR A 180 5.85 -19.33 -13.04
N THR A 180 5.85 -19.33 -13.04
N THR A 180 5.77 -19.30 -13.01
N THR A 180 5.77 -19.30 -13.01
CA THR A 180 5.31 -19.85 -11.77
CA THR A 180 5.31 -19.85 -11.77
CA THR A 180 5.30 -19.94 -11.78
CA THR A 180 5.30 -19.94 -11.78
C THR A 180 6.48 -20.32 -10.93
C THR A 180 6.48 -20.32 -10.93
C THR A 180 6.54 -20.25 -10.96
C THR A 180 6.54 -20.25 -10.96
N ASP A 181 6.38 -20.11 -9.64
N ASP A 181 6.38 -20.11 -9.64
N ASP A 181 6.39 -20.17 -9.65
N ASP A 181 6.39 -20.17 -9.65
CA ASP A 181 7.48 -20.52 -8.74
CA ASP A 181 7.48 -20.52 -8.74
CA ASP A 181 7.49 -20.54 -8.74
CA ASP A 181 7.49 -20.54 -8.74
C ASP A 181 6.92 -20.67 -7.34
C ASP A 181 6.92 -20.67 -7.34
C ASP A 181 6.92 -20.67 -7.34
C ASP A 181 6.92 -20.67 -7.34
N THR A 182 7.76 -21.16 -6.45
CA THR A 182 7.44 -21.28 -5.04
C THR A 182 7.65 -19.94 -4.35
N VAL A 183 6.66 -19.49 -3.62
CA VAL A 183 6.70 -18.19 -2.93
C VAL A 183 6.37 -18.45 -1.47
N SER A 184 7.19 -17.88 -0.58
CA SER A 184 6.96 -18.00 0.86
C SER A 184 6.92 -16.65 1.51
N VAL A 185 5.98 -16.46 2.39
CA VAL A 185 5.84 -15.24 3.19
C VAL A 185 5.78 -15.63 4.63
N GLY A 186 6.78 -15.25 5.40
CA GLY A 186 6.69 -15.47 6.84
C GLY A 186 6.55 -16.92 7.21
N GLY A 187 7.14 -17.82 6.44
CA GLY A 187 7.04 -19.25 6.72
C GLY A 187 5.87 -19.93 6.05
N LEU A 188 4.96 -19.25 5.37
CA LEU A 188 3.84 -19.85 4.63
C LEU A 188 4.22 -19.98 3.18
N THR A 189 4.20 -21.18 2.63
CA THR A 189 4.67 -21.45 1.26
C THR A 189 3.52 -21.81 0.35
N VAL A 190 3.55 -21.20 -0.81
CA VAL A 190 2.67 -21.53 -1.95
C VAL A 190 3.51 -22.04 -3.09
N THR A 191 3.17 -23.19 -3.62
CA THR A 191 3.79 -23.67 -4.84
C THR A 191 2.96 -23.26 -6.05
N GLY A 192 3.63 -23.04 -7.16
CA GLY A 192 2.91 -22.72 -8.40
C GLY A 192 2.34 -21.32 -8.36
N GLN A 193 2.85 -20.39 -7.58
CA GLN A 193 2.37 -19.01 -7.58
C GLN A 193 2.80 -18.33 -8.85
N ALA A 194 1.92 -17.55 -9.46
CA ALA A 194 2.30 -16.70 -10.57
C ALA A 194 3.15 -15.54 -10.06
N VAL A 195 4.34 -15.47 -10.57
CA VAL A 195 5.32 -14.39 -10.28
C VAL A 195 5.49 -13.62 -11.57
N GLU A 196 4.98 -12.41 -11.59
CA GLU A 196 4.93 -11.59 -12.80
C GLU A 196 6.25 -10.84 -12.88
N SER A 197 7.05 -11.15 -13.85
CA SER A 197 8.39 -10.60 -14.04
C SER A 197 8.34 -9.34 -14.85
N ALA A 198 8.78 -8.20 -14.34
CA ALA A 198 8.70 -6.95 -15.10
C ALA A 198 9.75 -6.92 -16.20
N LYS A 199 9.30 -6.60 -17.39
CA LYS A 199 10.17 -6.19 -18.49
C LYS A 199 10.29 -4.68 -18.46
N LYS A 200 9.27 -3.96 -18.09
CA LYS A 200 9.26 -2.49 -18.08
C LYS A 200 8.63 -2.05 -16.76
N VAL A 201 9.19 -0.98 -16.20
CA VAL A 201 8.59 -0.29 -15.06
C VAL A 201 8.66 1.23 -15.34
N SER A 202 7.73 1.96 -14.80
CA SER A 202 7.74 3.45 -14.97
C SER A 202 8.76 4.07 -14.04
N SER A 203 8.90 5.39 -14.19
N SER A 203 8.89 5.39 -14.19
N SER A 203 9.27 5.25 -14.40
N SER A 203 9.20 5.29 -14.38
CA SER A 203 9.95 6.16 -13.49
CA SER A 203 9.94 6.17 -13.52
CA SER A 203 10.51 5.83 -13.77
CA SER A 203 10.40 5.94 -13.79
C SER A 203 9.71 6.14 -11.97
C SER A 203 9.77 6.13 -12.00
C SER A 203 10.37 5.93 -12.26
C SER A 203 10.34 5.96 -12.25
N SER A 204 8.46 6.19 -11.49
N SER A 204 8.55 6.18 -11.45
N SER A 204 9.15 6.09 -11.74
N SER A 204 9.16 6.14 -11.65
CA SER A 204 8.18 6.19 -10.03
CA SER A 204 8.38 6.30 -9.97
CA SER A 204 8.87 6.18 -10.29
CA SER A 204 9.05 6.24 -10.17
C SER A 204 8.79 4.92 -9.42
C SER A 204 8.67 4.94 -9.33
C SER A 204 9.27 4.89 -9.56
C SER A 204 9.50 4.90 -9.55
N PHE A 205 8.64 3.80 -10.11
N PHE A 205 8.68 3.86 -10.10
N PHE A 205 9.28 3.76 -10.26
N PHE A 205 9.24 3.78 -10.19
CA PHE A 205 9.15 2.50 -9.61
CA PHE A 205 9.14 2.54 -9.61
CA PHE A 205 9.73 2.48 -9.65
CA PHE A 205 9.71 2.47 -9.65
C PHE A 205 10.69 2.54 -9.65
C PHE A 205 10.68 2.55 -9.65
C PHE A 205 11.26 2.42 -9.74
C PHE A 205 11.23 2.42 -9.75
N THR A 206 11.29 2.93 -10.77
N THR A 206 11.29 2.94 -10.77
N THR A 206 11.83 2.80 -10.88
N THR A 206 11.81 2.81 -10.88
CA THR A 206 12.77 2.98 -10.91
CA THR A 206 12.76 2.97 -10.90
CA THR A 206 13.30 2.78 -11.03
CA THR A 206 13.29 2.77 -11.03
C THR A 206 13.37 3.82 -9.78
C THR A 206 13.37 3.82 -9.78
C THR A 206 13.91 3.63 -9.93
C THR A 206 13.91 3.63 -9.94
N GLU A 207 12.74 4.95 -9.52
N GLU A 207 12.74 4.95 -9.52
N GLU A 207 13.29 4.77 -9.65
N GLU A 207 13.29 4.78 -9.65
CA GLU A 207 13.27 5.98 -8.59
CA GLU A 207 13.27 5.98 -8.59
CA GLU A 207 13.92 5.82 -8.81
CA GLU A 207 13.92 5.82 -8.81
C GLU A 207 13.08 5.55 -7.12
C GLU A 207 13.08 5.55 -7.12
C GLU A 207 13.74 5.46 -7.33
C GLU A 207 13.75 5.45 -7.33
N ASP A 208 12.32 4.49 -6.85
N ASP A 208 12.32 4.49 -6.85
N ASP A 208 12.92 4.46 -7.00
N ASP A 208 12.92 4.46 -7.00
CA ASP A 208 12.19 3.94 -5.48
CA ASP A 208 12.19 3.94 -5.48
CA ASP A 208 12.71 4.01 -5.60
CA ASP A 208 12.71 4.01 -5.60
C ASP A 208 13.01 2.65 -5.31
C ASP A 208 13.01 2.65 -5.31
C ASP A 208 13.40 2.66 -5.42
C ASP A 208 13.40 2.66 -5.42
N SER A 209 14.25 2.78 -4.88
N SER A 209 14.25 2.78 -4.88
N SER A 209 14.61 2.66 -4.89
N SER A 209 14.62 2.65 -4.88
CA SER A 209 15.24 1.67 -4.77
CA SER A 209 15.23 1.67 -4.77
CA SER A 209 15.44 1.44 -4.72
CA SER A 209 15.44 1.44 -4.72
C SER A 209 14.81 0.64 -3.71
C SER A 209 14.81 0.64 -3.71
C SER A 209 14.91 0.55 -3.60
C SER A 209 14.91 0.55 -3.60
N THR A 210 13.95 1.03 -2.79
CA THR A 210 13.55 0.25 -1.61
C THR A 210 12.47 -0.79 -1.91
N ILE A 211 11.78 -0.66 -3.04
N ILE A 211 11.78 -0.66 -3.04
N ILE A 211 11.78 -0.66 -3.03
N ILE A 211 11.78 -0.66 -3.03
CA ILE A 211 10.65 -1.58 -3.33
CA ILE A 211 10.65 -1.58 -3.33
CA ILE A 211 10.62 -1.53 -3.38
CA ILE A 211 10.62 -1.53 -3.38
C ILE A 211 11.01 -2.45 -4.54
C ILE A 211 11.01 -2.45 -4.54
C ILE A 211 11.01 -2.44 -4.54
C ILE A 211 11.01 -2.44 -4.54
N ASP A 212 11.04 -3.76 -4.32
CA ASP A 212 11.45 -4.70 -5.36
C ASP A 212 10.28 -5.25 -6.14
N GLY A 213 9.07 -4.81 -5.80
N GLY A 213 9.07 -4.81 -5.80
N GLY A 213 9.07 -4.82 -5.81
N GLY A 213 9.07 -4.82 -5.81
CA GLY A 213 7.85 -5.25 -6.48
CA GLY A 213 7.85 -5.25 -6.48
CA GLY A 213 7.82 -5.28 -6.46
CA GLY A 213 7.82 -5.28 -6.46
C GLY A 213 6.70 -5.21 -5.54
C GLY A 213 6.70 -5.21 -5.54
C GLY A 213 6.66 -5.13 -5.53
C GLY A 213 6.66 -5.13 -5.53
N LEU A 214 5.59 -5.79 -6.01
N LEU A 214 5.60 -5.80 -6.00
N LEU A 214 5.47 -5.54 -6.00
N LEU A 214 5.47 -5.54 -6.00
CA LEU A 214 4.29 -5.68 -5.35
CA LEU A 214 4.29 -5.68 -5.35
CA LEU A 214 4.23 -5.50 -5.21
CA LEU A 214 4.23 -5.50 -5.21
C LEU A 214 3.77 -7.08 -5.07
C LEU A 214 3.77 -7.08 -5.07
C LEU A 214 3.66 -6.91 -5.10
C LEU A 214 3.66 -6.91 -5.10
N LEU A 215 3.02 -7.23 -4.00
N LEU A 215 3.02 -7.23 -4.00
N LEU A 215 3.02 -7.18 -3.97
N LEU A 215 3.02 -7.18 -3.97
CA LEU A 215 2.27 -8.46 -3.75
CA LEU A 215 2.28 -8.45 -3.75
CA LEU A 215 2.29 -8.42 -3.76
CA LEU A 215 2.29 -8.42 -3.76
C LEU A 215 0.83 -8.07 -3.50
C LEU A 215 0.83 -8.07 -3.50
C LEU A 215 0.84 -8.06 -3.51
C LEU A 215 0.84 -8.06 -3.51
N GLY A 216 -0.01 -8.32 -4.49
CA GLY A 216 -1.41 -7.93 -4.43
C GLY A 216 -2.23 -8.85 -3.56
N LEU A 217 -3.13 -8.26 -2.79
CA LEU A 217 -3.99 -8.97 -1.84
C LEU A 217 -5.46 -8.57 -1.96
N ALA A 218 -5.82 -7.92 -3.05
CA ALA A 218 -7.24 -7.73 -3.38
C ALA A 218 -7.75 -9.01 -4.01
N PHE A 219 -8.96 -9.00 -4.55
CA PHE A 219 -9.56 -10.23 -5.06
C PHE A 219 -8.96 -10.56 -6.42
N SER A 220 -8.88 -11.86 -6.72
CA SER A 220 -8.16 -12.32 -7.91
C SER A 220 -8.81 -11.88 -9.22
N THR A 221 -10.06 -11.47 -9.17
CA THR A 221 -10.79 -10.89 -10.33
C THR A 221 -10.09 -9.68 -10.87
N LEU A 222 -9.24 -8.98 -10.07
CA LEU A 222 -8.48 -7.83 -10.60
C LEU A 222 -7.13 -8.20 -11.21
N ASN A 223 -6.70 -9.46 -11.14
CA ASN A 223 -5.37 -9.82 -11.63
C ASN A 223 -5.27 -9.52 -13.11
N THR A 224 -4.19 -9.00 -13.57
CA THR A 224 -4.08 -8.54 -14.96
C THR A 224 -3.47 -9.57 -15.88
N VAL A 225 -3.14 -10.76 -15.45
CA VAL A 225 -2.49 -11.70 -16.38
C VAL A 225 -3.48 -12.13 -17.47
N SER A 226 -2.98 -12.14 -18.68
CA SER A 226 -3.71 -12.54 -19.90
C SER A 226 -2.88 -13.57 -20.62
N PRO A 227 -3.49 -14.59 -21.26
CA PRO A 227 -4.93 -14.78 -21.39
C PRO A 227 -5.60 -15.57 -20.30
N THR A 228 -4.84 -16.03 -19.29
CA THR A 228 -5.32 -16.86 -18.19
C THR A 228 -5.11 -16.05 -16.91
N GLN A 229 -6.14 -15.52 -16.33
CA GLN A 229 -6.01 -14.73 -15.11
C GLN A 229 -5.45 -15.64 -14.02
N GLN A 230 -4.62 -15.05 -13.14
CA GLN A 230 -3.95 -15.78 -12.06
C GLN A 230 -4.49 -15.40 -10.70
N LYS A 231 -4.27 -16.30 -9.75
CA LYS A 231 -4.68 -16.08 -8.35
C LYS A 231 -3.62 -15.35 -7.54
N THR A 232 -4.10 -14.58 -6.56
CA THR A 232 -3.18 -13.96 -5.59
C THR A 232 -2.55 -15.03 -4.69
N PHE A 233 -1.50 -14.60 -4.02
CA PHE A 233 -0.82 -15.44 -3.01
C PHE A 233 -1.81 -15.88 -1.97
N PHE A 234 -2.68 -14.96 -1.51
CA PHE A 234 -3.68 -15.30 -0.49
C PHE A 234 -4.70 -16.32 -1.03
N ASP A 235 -5.19 -16.09 -2.24
CA ASP A 235 -6.16 -17.06 -2.79
C ASP A 235 -5.51 -18.41 -2.95
N ASN A 236 -4.26 -18.49 -3.37
CA ASN A 236 -3.60 -19.80 -3.49
C ASN A 236 -3.33 -20.42 -2.12
N ALA A 237 -3.05 -19.65 -1.10
CA ALA A 237 -2.75 -20.17 0.23
C ALA A 237 -4.00 -20.59 0.99
N LYS A 238 -5.17 -20.07 0.64
N LYS A 238 -5.14 -20.05 0.64
N LYS A 238 -5.17 -20.07 0.64
N LYS A 238 -5.14 -20.05 0.64
CA LYS A 238 -6.32 -19.96 1.60
CA LYS A 238 -6.35 -20.03 1.50
CA LYS A 238 -6.32 -19.96 1.60
CA LYS A 238 -6.35 -20.03 1.50
C LYS A 238 -6.88 -21.35 1.98
C LYS A 238 -6.68 -21.43 2.02
C LYS A 238 -6.87 -21.35 1.98
C LYS A 238 -6.68 -21.43 2.02
N ALA A 239 -6.76 -22.38 1.12
CA ALA A 239 -7.26 -23.73 1.44
C ALA A 239 -6.34 -24.32 2.52
N SER A 240 -5.05 -24.05 2.50
CA SER A 240 -4.06 -24.59 3.45
C SER A 240 -4.05 -23.83 4.78
N LEU A 241 -4.64 -22.65 4.89
CA LEU A 241 -4.53 -21.84 6.10
C LEU A 241 -5.39 -22.41 7.21
N ASP A 242 -5.01 -22.15 8.44
CA ASP A 242 -5.83 -22.59 9.57
C ASP A 242 -7.18 -21.90 9.55
N SER A 243 -7.23 -20.65 9.11
N SER A 243 -7.20 -20.60 9.25
N SER A 243 -7.22 -20.64 9.12
N SER A 243 -7.20 -20.60 9.25
CA SER A 243 -8.44 -19.81 9.01
CA SER A 243 -8.43 -19.81 8.99
CA SER A 243 -8.44 -19.80 9.01
CA SER A 243 -8.43 -19.81 8.99
C SER A 243 -8.23 -18.96 7.76
C SER A 243 -8.20 -18.97 7.73
C SER A 243 -8.23 -18.96 7.76
C SER A 243 -8.20 -18.96 7.75
N PRO A 244 -9.25 -18.73 6.91
CA PRO A 244 -9.04 -18.07 5.62
C PRO A 244 -8.97 -16.54 5.74
N VAL A 245 -7.95 -16.07 6.41
CA VAL A 245 -7.83 -14.68 6.81
C VAL A 245 -6.40 -14.23 6.64
N PHE A 246 -6.20 -12.92 6.51
CA PHE A 246 -4.90 -12.33 6.78
C PHE A 246 -5.16 -11.06 7.55
N THR A 247 -4.18 -10.57 8.26
CA THR A 247 -4.32 -9.38 9.07
C THR A 247 -3.18 -8.43 8.75
N ALA A 248 -3.50 -7.14 8.80
CA ALA A 248 -2.56 -6.05 8.63
C ALA A 248 -2.47 -5.29 9.90
N ASP A 249 -1.26 -5.13 10.42
CA ASP A 249 -0.99 -4.39 11.63
C ASP A 249 0.15 -3.46 11.34
N LEU A 250 -0.12 -2.35 10.69
CA LEU A 250 0.92 -1.44 10.22
C LEU A 250 1.32 -0.54 11.35
N GLY A 251 2.62 -0.28 11.41
N GLY A 251 2.62 -0.28 11.41
N GLY A 251 2.59 -0.17 11.44
N GLY A 251 2.59 -0.17 11.44
CA GLY A 251 3.25 0.59 12.40
CA GLY A 251 3.25 0.59 12.40
CA GLY A 251 3.05 0.74 12.49
CA GLY A 251 3.05 0.74 12.49
C GLY A 251 3.17 2.05 12.02
C GLY A 251 3.17 2.05 12.02
C GLY A 251 3.19 2.18 12.02
C GLY A 251 3.19 2.18 12.02
N TYR A 252 3.21 2.87 13.06
N TYR A 252 3.20 2.87 13.05
N TYR A 252 2.93 3.13 12.90
N TYR A 252 2.94 3.13 12.90
CA TYR A 252 3.30 4.33 12.93
CA TYR A 252 3.30 4.33 12.93
CA TYR A 252 3.34 4.53 12.69
CA TYR A 252 3.34 4.53 12.69
C TYR A 252 4.76 4.65 13.16
C TYR A 252 4.76 4.65 13.16
C TYR A 252 4.85 4.70 12.92
C TYR A 252 4.85 4.70 12.92
N HIS A 253 5.47 5.02 12.12
N HIS A 253 5.47 5.02 12.12
N HIS A 253 5.57 5.02 11.84
N HIS A 253 5.57 5.02 11.84
CA HIS A 253 6.91 5.27 12.20
CA HIS A 253 6.91 5.27 12.20
CA HIS A 253 7.03 5.26 11.84
CA HIS A 253 7.04 5.26 11.84
C HIS A 253 7.57 4.08 12.90
C HIS A 253 7.57 4.08 12.90
C HIS A 253 7.75 4.11 12.56
C HIS A 253 7.75 4.11 12.56
N ALA A 254 7.23 2.87 12.47
N ALA A 254 7.23 2.87 12.47
N ALA A 254 7.23 2.88 12.43
N ALA A 254 7.23 2.88 12.43
CA ALA A 254 7.83 1.67 13.06
CA ALA A 254 7.83 1.67 13.06
CA ALA A 254 7.61 1.69 13.21
CA ALA A 254 7.61 1.69 13.21
C ALA A 254 7.33 0.49 12.29
C ALA A 254 7.33 0.48 12.28
C ALA A 254 7.28 0.48 12.34
C ALA A 254 7.28 0.48 12.34
N PRO A 255 8.00 -0.66 12.45
CA PRO A 255 7.57 -1.88 11.82
C PRO A 255 6.25 -2.38 12.37
N GLY A 256 5.64 -3.24 11.57
CA GLY A 256 4.37 -3.91 11.92
C GLY A 256 4.38 -5.29 11.39
N THR A 257 3.22 -5.91 11.23
CA THR A 257 3.12 -7.33 10.93
C THR A 257 2.01 -7.60 9.93
N TYR A 258 2.23 -8.51 9.03
CA TYR A 258 1.21 -9.19 8.23
C TYR A 258 1.17 -10.64 8.70
N ASN A 259 0.03 -11.09 9.12
CA ASN A 259 -0.17 -12.50 9.49
C ASN A 259 -1.12 -13.14 8.53
N PHE A 260 -0.94 -14.39 8.22
CA PHE A 260 -1.79 -15.21 7.35
C PHE A 260 -2.27 -16.41 8.10
N GLY A 261 -3.57 -16.62 8.15
CA GLY A 261 -4.16 -17.85 8.66
C GLY A 261 -4.52 -17.81 10.10
N PHE A 262 -4.35 -16.74 10.83
CA PHE A 262 -4.70 -16.68 12.23
C PHE A 262 -4.83 -15.22 12.65
N ILE A 263 -5.55 -14.99 13.72
N ILE A 263 -5.65 -15.01 13.67
N ILE A 263 -5.54 -14.99 13.72
N ILE A 263 -5.66 -15.00 13.66
CA ILE A 263 -5.78 -13.65 14.27
CA ILE A 263 -5.74 -13.76 14.47
CA ILE A 263 -5.78 -13.65 14.29
CA ILE A 263 -5.75 -13.75 14.46
C ILE A 263 -5.06 -13.63 15.63
C ILE A 263 -4.82 -13.80 15.68
C ILE A 263 -5.05 -13.63 15.64
C ILE A 263 -4.82 -13.80 15.66
N ASP A 264 -3.99 -12.80 15.77
CA ASP A 264 -3.17 -12.67 16.99
C ASP A 264 -3.95 -11.84 17.97
N THR A 265 -4.54 -12.54 18.95
CA THR A 265 -5.41 -11.86 19.92
C THR A 265 -4.59 -10.99 20.85
N THR A 266 -3.28 -11.04 20.84
CA THR A 266 -2.42 -10.16 21.65
C THR A 266 -2.15 -8.82 20.96
N ALA A 267 -2.50 -8.71 19.67
CA ALA A 267 -2.03 -7.59 18.83
C ALA A 267 -3.03 -6.44 18.87
N TYR A 268 -4.14 -6.53 19.55
CA TYR A 268 -5.13 -5.43 19.55
C TYR A 268 -5.77 -5.34 20.92
N THR A 269 -6.43 -4.25 21.16
CA THR A 269 -7.16 -4.00 22.41
C THR A 269 -8.64 -4.09 22.13
N GLY A 270 -9.44 -4.40 23.15
CA GLY A 270 -10.89 -4.48 22.96
C GLY A 270 -11.28 -5.58 22.03
N SER A 271 -12.37 -5.38 21.31
N SER A 271 -12.37 -5.35 21.30
N SER A 271 -12.37 -5.38 21.31
N SER A 271 -12.37 -5.35 21.30
CA SER A 271 -12.90 -6.39 20.38
CA SER A 271 -12.99 -6.31 20.37
CA SER A 271 -12.91 -6.39 20.37
CA SER A 271 -12.97 -6.32 20.36
C SER A 271 -12.74 -5.94 18.91
C SER A 271 -12.69 -5.93 18.92
C SER A 271 -12.74 -5.93 18.92
C SER A 271 -12.69 -5.93 18.92
N ILE A 272 -12.83 -6.88 18.03
CA ILE A 272 -12.78 -6.62 16.58
C ILE A 272 -14.21 -6.42 16.14
N THR A 273 -14.46 -5.31 15.42
CA THR A 273 -15.78 -5.08 14.82
C THR A 273 -15.73 -5.44 13.36
N TYR A 274 -16.54 -6.37 12.94
CA TYR A 274 -16.58 -6.81 11.57
C TYR A 274 -17.65 -6.06 10.78
N THR A 275 -17.43 -5.85 9.52
CA THR A 275 -18.32 -5.08 8.63
C THR A 275 -18.31 -5.76 7.29
N ALA A 276 -19.42 -5.60 6.58
CA ALA A 276 -19.61 -6.29 5.31
C ALA A 276 -18.69 -5.73 4.22
N VAL A 277 -18.35 -6.63 3.32
CA VAL A 277 -17.50 -6.31 2.16
C VAL A 277 -18.28 -6.56 0.88
N SER A 278 -18.16 -5.68 -0.07
CA SER A 278 -18.57 -5.93 -1.45
C SER A 278 -17.33 -6.28 -2.25
N THR A 279 -17.41 -7.36 -3.01
CA THR A 279 -16.32 -7.73 -3.92
C THR A 279 -16.64 -7.32 -5.35
N LYS A 280 -17.71 -6.58 -5.57
CA LYS A 280 -18.16 -6.27 -6.95
C LYS A 280 -17.10 -5.57 -7.78
N GLN A 281 -16.26 -4.73 -7.20
CA GLN A 281 -15.21 -4.02 -7.93
C GLN A 281 -13.85 -4.71 -7.72
N GLY A 282 -13.81 -5.84 -7.06
CA GLY A 282 -12.54 -6.55 -6.82
C GLY A 282 -11.76 -6.09 -5.63
N PHE A 283 -12.26 -5.12 -4.90
N PHE A 283 -12.26 -5.12 -4.90
N PHE A 283 -12.28 -5.13 -4.88
N PHE A 283 -12.28 -5.13 -4.88
CA PHE A 283 -11.56 -4.53 -3.73
CA PHE A 283 -11.56 -4.53 -3.73
CA PHE A 283 -11.57 -4.55 -3.72
CA PHE A 283 -11.57 -4.55 -3.72
C PHE A 283 -12.18 -5.02 -2.44
C PHE A 283 -12.18 -5.02 -2.44
C PHE A 283 -12.18 -5.04 -2.43
C PHE A 283 -12.18 -5.04 -2.43
N TRP A 284 -11.48 -4.78 -1.33
CA TRP A 284 -12.00 -4.93 0.01
C TRP A 284 -12.80 -3.65 0.29
N GLU A 285 -14.03 -3.60 -0.29
CA GLU A 285 -14.87 -2.41 -0.27
C GLU A 285 -15.88 -2.53 0.83
N TRP A 286 -16.03 -1.52 1.63
CA TRP A 286 -16.86 -1.52 2.82
C TRP A 286 -17.47 -0.15 3.01
N THR A 287 -18.30 0.01 4.00
CA THR A 287 -18.98 1.30 4.28
C THR A 287 -18.74 1.72 5.68
N SER A 288 -17.98 2.79 5.86
CA SER A 288 -17.82 3.40 7.17
C SER A 288 -19.11 4.07 7.60
N THR A 289 -19.35 4.15 8.87
CA THR A 289 -20.56 4.71 9.44
C THR A 289 -20.43 6.17 9.78
N GLY A 290 -19.30 6.82 9.61
CA GLY A 290 -19.23 8.25 9.80
C GLY A 290 -17.88 8.71 10.30
N TYR A 291 -17.80 9.92 10.77
CA TYR A 291 -16.52 10.47 11.15
C TYR A 291 -16.67 11.52 12.19
N ALA A 292 -15.58 11.84 12.84
CA ALA A 292 -15.48 12.99 13.71
C ALA A 292 -14.13 13.67 13.49
N VAL A 293 -14.04 14.96 13.74
CA VAL A 293 -12.79 15.70 13.65
C VAL A 293 -12.39 16.11 15.03
N GLY A 294 -11.23 15.74 15.49
CA GLY A 294 -10.80 16.08 16.84
C GLY A 294 -11.79 15.63 17.86
N SER A 295 -12.11 16.54 18.79
N SER A 295 -12.07 16.51 18.83
N SER A 295 -12.12 16.53 18.80
N SER A 295 -12.09 16.55 18.79
CA SER A 295 -13.04 16.28 19.90
CA SER A 295 -13.07 16.26 19.90
CA SER A 295 -13.06 16.22 19.89
CA SER A 295 -13.04 16.38 19.91
C SER A 295 -14.48 16.52 19.46
C SER A 295 -14.44 16.80 19.48
C SER A 295 -14.49 16.51 19.46
C SER A 295 -14.45 16.79 19.48
N GLY A 296 -14.74 16.85 18.18
CA GLY A 296 -16.07 17.19 17.70
C GLY A 296 -17.03 16.04 17.74
N THR A 297 -18.28 16.39 17.52
CA THR A 297 -19.36 15.40 17.49
C THR A 297 -19.18 14.45 16.30
N PHE A 298 -19.59 13.25 16.46
CA PHE A 298 -19.55 12.24 15.40
C PHE A 298 -20.67 12.47 14.43
N LYS A 299 -20.37 12.52 13.16
CA LYS A 299 -21.32 12.70 12.08
C LYS A 299 -21.64 11.33 11.53
N SER A 300 -22.87 10.87 11.68
CA SER A 300 -23.32 9.60 11.13
C SER A 300 -23.58 9.75 9.66
N THR A 301 -22.86 9.09 8.79
CA THR A 301 -22.99 9.23 7.37
C THR A 301 -22.28 8.07 6.72
N SER A 302 -22.82 7.45 5.73
CA SER A 302 -22.21 6.29 5.05
C SER A 302 -21.12 6.73 4.14
N ILE A 303 -19.93 6.17 4.27
CA ILE A 303 -18.80 6.46 3.36
C ILE A 303 -18.32 5.15 2.81
N ASP A 304 -18.69 4.86 1.58
N ASP A 304 -18.57 4.93 1.53
N ASP A 304 -18.68 4.86 1.58
N ASP A 304 -18.57 4.93 1.53
CA ASP A 304 -18.16 3.68 0.87
CA ASP A 304 -18.15 3.68 0.86
CA ASP A 304 -18.16 3.68 0.87
CA ASP A 304 -18.15 3.68 0.87
C ASP A 304 -16.67 3.93 0.65
C ASP A 304 -16.71 3.83 0.37
C ASP A 304 -16.67 3.93 0.63
C ASP A 304 -16.71 3.83 0.37
N GLY A 305 -15.83 2.90 0.76
CA GLY A 305 -14.45 3.03 0.38
C GLY A 305 -13.76 1.69 0.44
N ILE A 306 -12.47 1.70 0.17
N ILE A 306 -12.47 1.70 0.17
N ILE A 306 -12.49 1.69 0.11
N ILE A 306 -12.49 1.69 0.11
CA ILE A 306 -11.67 0.45 0.08
CA ILE A 306 -11.67 0.45 0.08
CA ILE A 306 -11.72 0.44 0.13
CA ILE A 306 -11.72 0.44 0.13
C ILE A 306 -10.57 0.48 1.12
C ILE A 306 -10.57 0.48 1.12
C ILE A 306 -10.68 0.49 1.24
C ILE A 306 -10.68 0.49 1.24
N ALA A 307 -10.34 -0.68 1.74
CA ALA A 307 -9.22 -0.86 2.68
C ALA A 307 -8.00 -1.19 1.85
N ASP A 308 -7.06 -0.24 1.64
N ASP A 308 -7.06 -0.24 1.64
N ASP A 308 -7.02 -0.29 1.87
N ASP A 308 -7.02 -0.29 1.87
CA ASP A 308 -5.95 -0.35 0.64
CA ASP A 308 -5.95 -0.35 0.64
CA ASP A 308 -5.95 -0.30 0.84
CA ASP A 308 -5.95 -0.30 0.84
C ASP A 308 -4.55 -0.09 1.23
C ASP A 308 -4.55 -0.09 1.23
C ASP A 308 -4.60 -0.08 1.48
C ASP A 308 -4.60 -0.08 1.48
N THR A 309 -3.86 -1.15 1.67
CA THR A 309 -2.53 -1.05 2.25
C THR A 309 -1.51 -0.43 1.31
N GLY A 310 -1.75 -0.47 0.02
N GLY A 310 -1.75 -0.47 0.02
N GLY A 310 -1.83 -0.45 0.03
N GLY A 310 -1.83 -0.45 0.03
CA GLY A 310 -0.78 0.06 -0.96
CA GLY A 310 -0.78 0.06 -0.96
CA GLY A 310 -0.94 0.03 -1.03
CA GLY A 310 -0.94 0.03 -1.03
C GLY A 310 -1.03 1.53 -1.32
C GLY A 310 -1.03 1.53 -1.32
C GLY A 310 -0.96 1.54 -1.19
C GLY A 310 -0.96 1.54 -1.19
N THR A 311 -1.87 2.20 -0.57
N THR A 311 -1.87 2.20 -0.57
N THR A 311 -2.01 2.19 -0.70
N THR A 311 -2.01 2.19 -0.70
CA THR A 311 -2.04 3.67 -0.70
CA THR A 311 -2.04 3.67 -0.70
CA THR A 311 -2.19 3.65 -0.80
CA THR A 311 -2.19 3.65 -0.80
C THR A 311 -1.56 4.31 0.60
C THR A 311 -1.56 4.31 0.60
C THR A 311 -1.74 4.30 0.51
C THR A 311 -1.74 4.30 0.51
N THR A 312 -0.80 5.37 0.46
N THR A 312 -0.80 5.37 0.46
N THR A 312 -0.87 5.31 0.43
N THR A 312 -0.87 5.31 0.43
CA THR A 312 -0.20 6.01 1.64
CA THR A 312 -0.20 6.01 1.64
CA THR A 312 -0.27 5.93 1.63
CA THR A 312 -0.27 5.93 1.63
C THR A 312 -1.27 6.70 2.49
C THR A 312 -1.27 6.70 2.49
C THR A 312 -1.29 6.67 2.48
C THR A 312 -1.29 6.67 2.48
N LEU A 313 -2.12 7.49 1.82
CA LEU A 313 -2.97 8.48 2.49
C LEU A 313 -4.41 8.02 2.65
N LEU A 314 -5.19 8.84 3.34
CA LEU A 314 -6.63 8.63 3.52
C LEU A 314 -7.35 9.59 2.58
N TYR A 315 -8.07 9.04 1.60
CA TYR A 315 -8.79 9.84 0.58
C TYR A 315 -10.27 9.72 0.85
N LEU A 316 -10.93 10.84 1.14
CA LEU A 316 -12.33 10.86 1.55
C LEU A 316 -13.05 11.96 0.77
N PRO A 317 -14.39 11.98 0.87
CA PRO A 317 -15.14 12.99 0.11
C PRO A 317 -14.74 14.39 0.50
N ALA A 318 -14.87 15.31 -0.46
CA ALA A 318 -14.43 16.68 -0.27
C ALA A 318 -15.10 17.33 0.92
N THR A 319 -16.34 17.04 1.19
CA THR A 319 -17.03 17.61 2.34
C THR A 319 -16.30 17.27 3.64
N VAL A 320 -15.95 15.97 3.76
CA VAL A 320 -15.33 15.46 5.01
C VAL A 320 -13.95 16.08 5.14
N VAL A 321 -13.22 16.11 4.06
CA VAL A 321 -11.84 16.63 4.07
C VAL A 321 -11.83 18.10 4.39
N SER A 322 -12.77 18.87 3.80
CA SER A 322 -12.86 20.31 4.13
C SER A 322 -13.15 20.51 5.60
N ALA A 323 -14.05 19.73 6.15
CA ALA A 323 -14.40 19.83 7.56
C ALA A 323 -13.18 19.54 8.45
N TYR A 324 -12.33 18.61 8.05
CA TYR A 324 -11.10 18.34 8.83
C TYR A 324 -10.16 19.51 8.75
N TRP A 325 -9.79 19.95 7.57
CA TRP A 325 -8.76 20.97 7.44
C TRP A 325 -9.22 22.35 7.92
N ALA A 326 -10.52 22.58 7.96
CA ALA A 326 -11.04 23.84 8.51
C ALA A 326 -10.66 23.98 9.96
N GLN A 327 -10.30 22.90 10.65
CA GLN A 327 -9.91 22.95 12.08
C GLN A 327 -8.43 23.21 12.19
N VAL A 328 -7.68 23.45 11.16
CA VAL A 328 -6.22 23.71 11.21
C VAL A 328 -5.95 25.10 10.65
N SER A 329 -5.51 26.04 11.50
N SER A 329 -5.50 26.01 11.52
N SER A 329 -5.50 26.05 11.50
N SER A 329 -5.50 26.01 11.51
CA SER A 329 -5.28 27.43 11.09
CA SER A 329 -5.18 27.42 11.17
CA SER A 329 -5.28 27.45 11.10
CA SER A 329 -5.21 27.42 11.16
C SER A 329 -4.24 27.45 9.98
C SER A 329 -4.20 27.44 10.00
C SER A 329 -4.24 27.44 9.98
C SER A 329 -4.21 27.44 10.01
N GLY A 330 -4.57 28.11 8.91
CA GLY A 330 -3.69 28.28 7.79
C GLY A 330 -3.68 27.10 6.82
N ALA A 331 -4.45 26.04 7.03
CA ALA A 331 -4.52 24.95 6.05
C ALA A 331 -5.25 25.38 4.83
N LYS A 332 -4.88 24.87 3.68
CA LYS A 332 -5.54 25.23 2.43
C LYS A 332 -5.27 24.13 1.45
N SER A 333 -6.12 24.06 0.42
CA SER A 333 -5.89 23.19 -0.72
C SER A 333 -5.05 23.94 -1.73
N SER A 334 -3.95 23.39 -2.10
CA SER A 334 -3.00 23.97 -3.06
C SER A 334 -3.03 23.16 -4.36
N SER A 335 -3.51 23.77 -5.45
N SER A 335 -3.51 23.80 -5.42
N SER A 335 -3.51 23.78 -5.44
N SER A 335 -3.51 23.80 -5.42
CA SER A 335 -3.48 23.17 -6.80
CA SER A 335 -3.50 23.25 -6.80
CA SER A 335 -3.48 23.17 -6.80
CA SER A 335 -3.50 23.27 -6.80
C SER A 335 -2.02 22.99 -7.25
C SER A 335 -2.05 23.00 -7.24
C SER A 335 -2.02 22.99 -7.25
C SER A 335 -2.04 23.01 -7.24
N SER A 336 -1.12 23.89 -6.87
CA SER A 336 0.33 23.77 -7.24
C SER A 336 0.97 22.53 -6.58
N VAL A 337 0.64 22.27 -5.32
CA VAL A 337 1.26 21.12 -4.61
C VAL A 337 0.49 19.83 -4.91
N GLY A 338 -0.80 19.93 -5.14
CA GLY A 338 -1.69 18.81 -5.40
C GLY A 338 -2.42 18.29 -4.18
N GLY A 339 -2.78 19.15 -3.25
CA GLY A 339 -3.69 18.76 -2.17
C GLY A 339 -3.60 19.74 -1.04
N TYR A 340 -4.20 19.36 0.07
CA TYR A 340 -4.15 20.16 1.29
C TYR A 340 -2.75 20.17 1.87
N VAL A 341 -2.38 21.36 2.23
CA VAL A 341 -1.12 21.69 2.96
C VAL A 341 -1.49 22.48 4.18
N PHE A 342 -0.57 22.55 5.11
N PHE A 342 -0.57 22.55 5.11
N PHE A 342 -0.62 22.42 5.18
N PHE A 342 -0.62 22.42 5.18
CA PHE A 342 -0.83 23.27 6.36
CA PHE A 342 -0.83 23.27 6.36
CA PHE A 342 -0.84 23.04 6.51
CA PHE A 342 -0.84 23.04 6.51
C PHE A 342 0.50 23.68 6.94
C PHE A 342 0.50 23.68 6.94
C PHE A 342 0.48 23.65 6.96
C PHE A 342 0.48 23.65 6.96
N PRO A 343 0.46 24.68 7.83
CA PRO A 343 1.71 25.17 8.42
C PRO A 343 2.36 24.11 9.23
N CYS A 344 3.67 23.93 9.01
CA CYS A 344 4.41 22.93 9.79
C CYS A 344 4.37 23.22 11.29
N SER A 345 4.09 24.43 11.69
N SER A 345 4.10 24.43 11.70
N SER A 345 4.10 24.47 11.66
N SER A 345 4.10 24.47 11.66
CA SER A 345 3.98 24.76 13.13
CA SER A 345 3.98 24.75 13.14
CA SER A 345 3.95 24.89 13.08
CA SER A 345 3.95 24.89 13.08
C SER A 345 2.62 24.40 13.72
C SER A 345 2.62 24.40 13.72
C SER A 345 2.72 24.24 13.75
C SER A 345 2.72 24.24 13.75
N ALA A 346 1.74 23.77 12.96
CA ALA A 346 0.43 23.34 13.49
C ALA A 346 0.55 22.06 14.24
N THR A 347 -0.32 21.89 15.23
CA THR A 347 -0.67 20.61 15.85
C THR A 347 -1.98 20.16 15.25
N LEU A 348 -2.00 18.99 14.64
N LEU A 348 -2.00 18.99 14.64
N LEU A 348 -2.01 18.98 14.65
N LEU A 348 -2.01 18.98 14.65
CA LEU A 348 -3.19 18.49 13.91
CA LEU A 348 -3.19 18.49 13.91
CA LEU A 348 -3.19 18.50 13.92
CA LEU A 348 -3.19 18.50 13.92
C LEU A 348 -4.17 17.80 14.84
C LEU A 348 -4.17 17.80 14.84
C LEU A 348 -4.16 17.81 14.85
C LEU A 348 -4.16 17.81 14.85
N PRO A 349 -5.48 17.97 14.61
CA PRO A 349 -6.49 17.21 15.33
C PRO A 349 -6.52 15.77 14.87
N SER A 350 -7.01 14.91 15.73
CA SER A 350 -7.28 13.55 15.34
C SER A 350 -8.44 13.47 14.35
N PHE A 351 -8.60 12.32 13.75
CA PHE A 351 -9.72 12.00 12.86
C PHE A 351 -10.28 10.67 13.24
N THR A 352 -11.56 10.58 13.50
CA THR A 352 -12.20 9.32 13.87
C THR A 352 -13.00 8.82 12.71
N PHE A 353 -12.98 7.54 12.39
CA PHE A 353 -13.92 6.95 11.43
C PHE A 353 -14.69 5.82 12.09
N GLY A 354 -15.92 5.64 11.66
CA GLY A 354 -16.80 4.61 12.22
C GLY A 354 -16.70 3.31 11.47
N VAL A 355 -16.75 2.22 12.27
CA VAL A 355 -16.85 0.86 11.78
C VAL A 355 -18.01 0.26 12.54
N GLY A 356 -19.17 0.19 11.87
CA GLY A 356 -20.42 -0.14 12.62
C GLY A 356 -20.54 0.84 13.76
N SER A 357 -20.82 0.34 14.97
N SER A 357 -20.79 0.32 14.96
N SER A 357 -20.82 0.35 14.98
N SER A 357 -20.79 0.32 14.96
CA SER A 357 -20.95 1.19 16.18
CA SER A 357 -20.95 1.13 16.19
CA SER A 357 -20.95 1.21 16.17
CA SER A 357 -20.95 1.13 16.19
C SER A 357 -19.59 1.48 16.83
C SER A 357 -19.61 1.48 16.81
C SER A 357 -19.59 1.49 16.83
C SER A 357 -19.61 1.48 16.81
N ALA A 358 -18.51 0.93 16.30
CA ALA A 358 -17.17 1.16 16.84
C ALA A 358 -16.52 2.37 16.16
N ARG A 359 -15.47 2.81 16.75
CA ARG A 359 -14.76 4.03 16.31
C ARG A 359 -13.28 3.75 16.27
N ILE A 360 -12.59 4.15 15.22
CA ILE A 360 -11.11 4.10 15.13
C ILE A 360 -10.62 5.53 15.11
N VAL A 361 -9.74 5.84 15.99
CA VAL A 361 -9.20 7.19 16.11
C VAL A 361 -7.82 7.23 15.49
N ILE A 362 -7.62 8.09 14.50
CA ILE A 362 -6.33 8.35 13.88
C ILE A 362 -5.74 9.54 14.59
N PRO A 363 -4.64 9.41 15.35
CA PRO A 363 -4.04 10.55 16.01
C PRO A 363 -3.62 11.60 14.99
N GLY A 364 -3.63 12.85 15.43
N GLY A 364 -3.68 12.86 15.40
N GLY A 364 -3.61 12.86 15.42
N GLY A 364 -3.61 12.86 15.42
CA GLY A 364 -3.25 13.95 14.54
CA GLY A 364 -3.31 13.95 14.49
CA GLY A 364 -3.19 13.96 14.55
CA GLY A 364 -3.19 13.96 14.55
C GLY A 364 -1.87 13.77 13.95
C GLY A 364 -1.89 13.78 13.96
C GLY A 364 -1.81 13.76 13.92
C GLY A 364 -1.81 13.76 13.92
N ASP A 365 -0.89 13.26 14.69
N ASP A 365 -1.00 13.26 14.79
N ASP A 365 -0.84 13.22 14.67
N ASP A 365 -0.84 13.22 14.66
CA ASP A 365 0.47 13.20 14.12
CA ASP A 365 0.39 13.08 14.37
CA ASP A 365 0.53 13.06 14.11
CA ASP A 365 0.53 13.06 14.11
C ASP A 365 0.53 12.17 12.98
C ASP A 365 0.47 12.32 13.04
C ASP A 365 0.53 12.10 12.91
C ASP A 365 0.53 12.10 12.91
N TYR A 366 -0.44 11.27 12.91
N TYR A 366 -0.38 11.30 12.92
N TYR A 366 -0.41 11.18 12.84
N TYR A 366 -0.41 11.18 12.84
CA TYR A 366 -0.45 10.34 11.77
CA TYR A 366 -0.40 10.36 11.77
CA TYR A 366 -0.44 10.21 11.72
CA TYR A 366 -0.44 10.21 11.72
C TYR A 366 -0.75 11.09 10.46
C TYR A 366 -0.73 11.10 10.46
C TYR A 366 -0.82 10.91 10.42
C TYR A 366 -0.82 10.91 10.42
N ILE A 367 -1.40 12.26 10.54
N ILE A 367 -1.39 12.26 10.54
N ILE A 367 -1.30 12.15 10.53
N ILE A 367 -1.30 12.15 10.53
CA ILE A 367 -1.90 13.04 9.37
CA ILE A 367 -1.89 13.02 9.37
CA ILE A 367 -1.81 12.89 9.35
CA ILE A 367 -1.81 12.89 9.35
C ILE A 367 -0.85 14.04 8.92
C ILE A 367 -0.82 14.00 8.88
C ILE A 367 -0.77 13.87 8.85
C ILE A 367 -0.77 13.87 8.85
N ASP A 368 0.35 14.03 9.55
N ASP A 368 0.37 13.95 9.50
N ASP A 368 0.33 14.05 9.60
N ASP A 368 0.33 14.05 9.60
CA ASP A 368 1.46 14.94 9.15
CA ASP A 368 1.53 14.77 9.10
CA ASP A 368 1.39 15.01 9.23
CA ASP A 368 1.39 15.01 9.23
C ASP A 368 2.46 14.22 8.23
C ASP A 368 2.44 14.01 8.15
C ASP A 368 2.42 14.32 8.35
C ASP A 368 2.42 14.32 8.35
N PHE A 369 2.46 14.66 6.98
N PHE A 369 2.55 14.53 6.93
N PHE A 369 2.55 14.71 7.10
N PHE A 369 2.55 14.71 7.10
CA PHE A 369 3.41 14.03 6.01
CA PHE A 369 3.45 13.99 5.89
CA PHE A 369 3.55 14.10 6.18
CA PHE A 369 3.55 14.10 6.18
C PHE A 369 4.55 14.96 5.62
C PHE A 369 4.56 14.97 5.57
C PHE A 369 4.74 15.02 5.95
C PHE A 369 4.74 15.02 5.95
N GLY A 370 4.85 15.89 6.51
N GLY A 370 4.84 15.88 6.49
N GLY A 370 4.90 16.03 6.81
N GLY A 370 4.90 16.03 6.81
CA GLY A 370 6.14 16.59 6.48
CA GLY A 370 6.11 16.61 6.49
CA GLY A 370 6.09 16.88 6.86
CA GLY A 370 6.09 16.88 6.87
C GLY A 370 6.19 17.66 5.41
C GLY A 370 6.18 17.67 5.42
C GLY A 370 6.20 17.79 5.64
C GLY A 370 6.20 17.79 5.65
N PRO A 371 7.32 18.41 5.40
N PRO A 371 7.31 18.40 5.40
N PRO A 371 7.36 18.45 5.50
N PRO A 371 7.36 18.45 5.50
CA PRO A 371 7.50 19.52 4.50
CA PRO A 371 7.50 19.52 4.49
CA PRO A 371 7.51 19.52 4.53
CA PRO A 371 7.51 19.52 4.53
C PRO A 371 7.26 19.09 3.06
C PRO A 371 7.26 19.08 3.07
C PRO A 371 7.27 19.09 3.09
C PRO A 371 7.27 19.09 3.09
N ILE A 372 6.66 19.98 2.31
CA ILE A 372 6.35 19.67 0.89
C ILE A 372 7.63 19.56 0.08
N SER A 373 8.68 20.19 0.49
CA SER A 373 10.05 20.15 -0.09
C SER A 373 10.97 20.37 1.06
N THR A 374 12.24 19.92 0.96
CA THR A 374 13.18 20.04 2.03
C THR A 374 13.27 21.49 2.53
N GLY A 375 13.16 21.75 3.80
CA GLY A 375 13.28 23.04 4.38
C GLY A 375 12.04 23.90 4.36
N SER A 376 10.96 23.42 3.68
CA SER A 376 9.73 24.22 3.60
C SER A 376 9.05 24.28 4.93
N SER A 377 8.36 25.34 5.20
CA SER A 377 7.45 25.44 6.35
C SER A 377 6.01 25.10 6.01
N SER A 378 5.75 24.67 4.79
N SER A 378 5.76 24.67 4.78
N SER A 378 5.76 24.66 4.78
N SER A 378 5.76 24.67 4.78
CA SER A 378 4.46 24.10 4.43
CA SER A 378 4.46 24.13 4.37
CA SER A 378 4.45 24.10 4.42
CA SER A 378 4.45 24.13 4.35
C SER A 378 4.56 22.59 4.46
C SER A 378 4.54 22.60 4.42
C SER A 378 4.54 22.59 4.43
C SER A 378 4.53 22.61 4.40
N CYS A 379 3.64 21.96 5.17
N CYS A 379 3.64 21.99 5.15
N CYS A 379 3.56 21.96 5.05
N CYS A 379 3.55 21.99 5.04
CA CYS A 379 3.61 20.50 5.31
CA CYS A 379 3.61 20.52 5.31
CA CYS A 379 3.56 20.52 5.35
CA CYS A 379 3.56 20.55 5.34
C CYS A 379 2.42 19.93 4.53
C CYS A 379 2.43 19.94 4.54
C CYS A 379 2.40 19.84 4.63
C CYS A 379 2.39 19.86 4.63
N PHE A 380 2.58 18.69 4.14
N PHE A 380 2.57 18.70 4.15
N PHE A 380 2.63 18.65 4.11
N PHE A 380 2.62 18.66 4.12
CA PHE A 380 1.56 18.00 3.33
CA PHE A 380 1.56 18.00 3.33
CA PHE A 380 1.59 17.96 3.31
CA PHE A 380 1.59 17.98 3.31
C PHE A 380 0.65 17.17 4.22
C PHE A 380 0.65 17.17 4.22
C PHE A 380 0.66 17.17 4.21
C PHE A 380 0.66 17.17 4.21
N GLY A 381 -0.65 17.29 3.96
N GLY A 381 -0.65 17.29 3.96
N GLY A 381 -0.64 17.28 3.95
N GLY A 381 -0.64 17.28 3.95
CA GLY A 381 -1.64 16.59 4.76
CA GLY A 381 -1.64 16.59 4.76
CA GLY A 381 -1.65 16.59 4.76
CA GLY A 381 -1.65 16.59 4.76
C GLY A 381 -1.83 15.13 4.41
C GLY A 381 -1.83 15.13 4.41
C GLY A 381 -1.84 15.13 4.40
C GLY A 381 -1.84 15.13 4.40
N GLY A 382 -2.19 14.35 5.42
N GLY A 382 -2.18 14.36 5.42
N GLY A 382 -2.18 14.35 5.42
N GLY A 382 -2.18 14.35 5.42
CA GLY A 382 -2.40 12.91 5.22
CA GLY A 382 -2.40 12.91 5.22
CA GLY A 382 -2.40 12.91 5.22
CA GLY A 382 -2.40 12.91 5.22
C GLY A 382 -3.85 12.53 4.93
C GLY A 382 -3.85 12.53 4.93
C GLY A 382 -3.84 12.54 4.93
C GLY A 382 -3.84 12.54 4.93
N ILE A 383 -4.76 13.50 4.98
CA ILE A 383 -6.17 13.33 4.61
C ILE A 383 -6.35 14.24 3.38
N GLN A 384 -6.79 13.65 2.29
CA GLN A 384 -6.92 14.37 1.02
C GLN A 384 -8.27 14.00 0.40
N SER A 385 -8.71 14.84 -0.51
CA SER A 385 -9.98 14.58 -1.21
C SER A 385 -9.87 13.45 -2.19
N SER A 386 -10.88 12.61 -2.21
CA SER A 386 -11.05 11.57 -3.22
C SER A 386 -11.75 12.05 -4.48
N ALA A 387 -12.05 13.34 -4.59
N ALA A 387 -12.19 13.30 -4.51
N ALA A 387 -12.07 13.34 -4.58
N ALA A 387 -12.18 13.30 -4.53
CA ALA A 387 -12.69 13.89 -5.82
CA ALA A 387 -13.14 13.74 -5.56
CA ALA A 387 -12.74 13.88 -5.79
CA ALA A 387 -13.07 13.73 -5.63
C ALA A 387 -11.77 13.69 -7.01
C ALA A 387 -12.60 13.45 -6.97
C ALA A 387 -11.85 13.65 -7.01
C ALA A 387 -12.44 13.46 -7.02
N GLY A 388 -12.25 12.98 -8.03
N GLY A 388 -11.27 13.45 -7.21
N GLY A 388 -12.39 12.96 -8.01
N GLY A 388 -11.12 13.50 -7.19
CA GLY A 388 -11.52 12.72 -9.28
CA GLY A 388 -10.68 13.23 -8.55
CA GLY A 388 -11.72 12.68 -9.30
CA GLY A 388 -10.46 13.28 -8.49
C GLY A 388 -10.96 11.31 -9.28
C GLY A 388 -10.19 11.80 -8.74
C GLY A 388 -10.99 11.36 -9.26
C GLY A 388 -10.30 11.80 -8.81
N ILE A 389 -10.79 10.70 -8.11
N ILE A 389 -10.65 10.85 -7.89
N ILE A 389 -10.89 10.73 -8.09
N ILE A 389 -10.61 10.89 -7.87
CA ILE A 389 -10.27 9.31 -7.98
CA ILE A 389 -10.30 9.38 -7.91
CA ILE A 389 -10.30 9.36 -7.97
CA ILE A 389 -10.30 9.40 -7.91
C ILE A 389 -11.45 8.36 -8.20
C ILE A 389 -11.47 8.52 -8.38
C ILE A 389 -11.44 8.38 -8.19
C ILE A 389 -11.47 8.56 -8.39
N GLY A 390 -12.68 8.79 -7.89
CA GLY A 390 -13.85 7.96 -8.14
C GLY A 390 -14.10 6.95 -7.05
N ILE A 391 -13.22 6.81 -6.05
N ILE A 391 -13.22 6.81 -6.05
N ILE A 391 -13.20 6.95 -6.04
N ILE A 391 -13.20 6.95 -6.04
CA ILE A 391 -13.50 5.93 -4.88
CA ILE A 391 -13.50 5.93 -4.88
CA ILE A 391 -13.10 5.94 -4.94
CA ILE A 391 -13.10 5.94 -4.94
C ILE A 391 -12.79 6.55 -3.68
C ILE A 391 -12.79 6.55 -3.68
C ILE A 391 -12.63 6.59 -3.63
C ILE A 391 -12.63 6.59 -3.63
N ASN A 392 -13.33 6.32 -2.51
CA ASN A 392 -12.71 6.68 -1.22
C ASN A 392 -11.75 5.58 -0.86
N ILE A 393 -10.61 5.97 -0.32
N ILE A 393 -10.61 5.97 -0.32
N ILE A 393 -10.62 5.97 -0.29
N ILE A 393 -10.62 5.97 -0.29
CA ILE A 393 -9.51 5.01 -0.01
CA ILE A 393 -9.51 5.01 -0.01
CA ILE A 393 -9.54 4.98 -0.01
CA ILE A 393 -9.54 4.98 -0.01
C ILE A 393 -9.09 5.15 1.44
C ILE A 393 -9.09 5.15 1.44
C ILE A 393 -9.07 5.14 1.42
C ILE A 393 -9.07 5.14 1.42
N PHE A 394 -9.31 4.10 2.21
CA PHE A 394 -8.77 3.99 3.56
C PHE A 394 -7.37 3.42 3.42
N GLY A 395 -6.41 4.24 3.14
CA GLY A 395 -5.03 3.87 2.97
C GLY A 395 -4.32 3.79 4.29
N ASP A 396 -3.00 3.77 4.23
N ASP A 396 -3.00 3.77 4.23
N ASP A 396 -3.00 3.77 4.22
N ASP A 396 -3.00 3.77 4.22
CA ASP A 396 -2.17 3.46 5.41
CA ASP A 396 -2.17 3.46 5.41
CA ASP A 396 -2.14 3.48 5.39
CA ASP A 396 -2.14 3.48 5.39
C ASP A 396 -2.41 4.44 6.57
C ASP A 396 -2.41 4.43 6.57
C ASP A 396 -2.42 4.43 6.57
C ASP A 396 -2.42 4.43 6.57
N VAL A 397 -2.67 5.71 6.31
CA VAL A 397 -2.98 6.65 7.38
C VAL A 397 -4.09 6.12 8.26
N ALA A 398 -5.12 5.61 7.67
CA ALA A 398 -6.22 5.02 8.45
C ALA A 398 -5.89 3.65 8.98
N LEU A 399 -5.36 2.78 8.12
CA LEU A 399 -5.17 1.39 8.53
C LEU A 399 -4.18 1.25 9.64
N LYS A 400 -3.14 2.11 9.67
N LYS A 400 -3.16 2.10 9.68
N LYS A 400 -3.14 2.11 9.67
N LYS A 400 -3.15 2.10 9.70
CA LYS A 400 -2.08 1.98 10.69
CA LYS A 400 -2.12 1.90 10.71
CA LYS A 400 -2.08 1.98 10.69
CA LYS A 400 -2.10 1.90 10.73
C LYS A 400 -2.63 2.31 12.08
C LYS A 400 -2.64 2.29 12.08
C LYS A 400 -2.62 2.32 12.08
C LYS A 400 -2.60 2.36 12.11
N ALA A 401 -3.78 2.96 12.19
CA ALA A 401 -4.43 3.21 13.49
C ALA A 401 -5.19 2.00 13.97
N ALA A 402 -5.24 0.91 13.25
CA ALA A 402 -6.06 -0.24 13.63
C ALA A 402 -5.30 -1.54 13.40
N PHE A 403 -5.85 -2.58 14.03
CA PHE A 403 -5.56 -3.95 13.65
C PHE A 403 -6.66 -4.37 12.67
N VAL A 404 -6.32 -4.78 11.48
CA VAL A 404 -7.31 -4.96 10.42
C VAL A 404 -7.31 -6.42 9.99
N VAL A 405 -8.48 -7.04 10.01
CA VAL A 405 -8.69 -8.40 9.58
C VAL A 405 -9.29 -8.43 8.20
N PHE A 406 -8.66 -9.07 7.26
CA PHE A 406 -9.17 -9.32 5.90
C PHE A 406 -9.65 -10.74 5.89
N ASN A 407 -10.95 -10.90 6.08
CA ASN A 407 -11.60 -12.22 6.22
C ASN A 407 -12.02 -12.71 4.85
N GLY A 408 -11.35 -13.66 4.31
CA GLY A 408 -11.58 -14.22 2.98
C GLY A 408 -12.43 -15.48 3.01
N ALA A 409 -13.23 -15.66 3.98
CA ALA A 409 -14.29 -16.72 3.96
C ALA A 409 -15.23 -16.51 2.79
N THR A 410 -16.09 -17.52 2.56
CA THR A 410 -17.03 -17.56 1.42
C THR A 410 -17.75 -16.21 1.30
N THR A 411 -18.21 -15.68 2.43
CA THR A 411 -18.75 -14.30 2.57
C THR A 411 -17.64 -13.45 3.18
N PRO A 412 -16.88 -12.68 2.39
CA PRO A 412 -15.77 -11.91 2.97
C PRO A 412 -16.25 -10.82 3.88
N THR A 413 -15.48 -10.46 4.87
CA THR A 413 -15.76 -9.34 5.75
C THR A 413 -14.43 -8.67 6.11
N LEU A 414 -14.50 -7.43 6.58
N LEU A 414 -14.55 -7.58 6.85
N LEU A 414 -14.50 -7.43 6.58
N LEU A 414 -14.54 -7.57 6.85
CA LEU A 414 -13.35 -6.75 7.21
CA LEU A 414 -13.39 -6.73 7.21
CA LEU A 414 -13.34 -6.75 7.20
CA LEU A 414 -13.39 -6.73 7.21
C LEU A 414 -13.61 -6.65 8.68
C LEU A 414 -13.54 -6.37 8.69
C LEU A 414 -13.60 -6.64 8.68
C LEU A 414 -13.54 -6.36 8.69
N GLY A 415 -12.56 -6.71 9.50
CA GLY A 415 -12.63 -6.42 10.89
C GLY A 415 -11.66 -5.32 11.28
N PHE A 416 -12.04 -4.46 12.18
CA PHE A 416 -11.18 -3.43 12.72
C PHE A 416 -11.18 -3.47 14.20
N ALA A 417 -10.01 -3.37 14.82
CA ALA A 417 -9.87 -3.22 16.26
C ALA A 417 -8.91 -2.07 16.53
N SER A 418 -9.06 -1.39 17.62
CA SER A 418 -8.05 -0.47 18.15
C SER A 418 -6.84 -1.26 18.61
N LYS A 419 -5.74 -0.56 18.81
CA LYS A 419 -4.50 -1.24 19.27
C LYS A 419 -3.60 -0.28 20.04
C4 RD4 B . -7.13 2.30 -7.53
C4 RD4 B . -7.13 2.30 -7.53
C5 RD4 B . -5.94 2.06 -8.18
C5 RD4 B . -5.94 2.06 -8.18
C6 RD4 B . -4.91 1.36 -7.55
C6 RD4 B . -4.91 1.36 -7.55
N1 RD4 B . -3.89 0.08 -4.31
N1 RD4 B . -3.89 0.08 -4.31
C7 RD4 B . -4.79 2.38 -10.26
C7 RD4 B . -4.79 2.38 -10.26
C8 RD4 B . -5.05 3.00 -11.54
C8 RD4 B . -5.05 3.00 -11.54
C RD4 B . -4.04 0.05 -5.61
C RD4 B . -4.04 0.05 -5.61
N RD4 B . -3.26 -0.69 -6.35
N RD4 B . -3.26 -0.69 -6.35
C1 RD4 B . -5.11 0.86 -6.26
C1 RD4 B . -5.11 0.86 -6.26
O RD4 B . -5.96 2.54 -9.45
O RD4 B . -5.96 2.54 -9.45
C3 RD4 B . -7.33 1.78 -6.27
C3 RD4 B . -7.33 1.78 -6.27
C2 RD4 B . -6.34 1.05 -5.64
C2 RD4 B . -6.34 1.05 -5.64
C4 RD4 C . 2.98 1.44 -4.71
C4 RD4 C . 2.98 1.44 -4.71
C5 RD4 C . 2.40 2.15 -5.74
C5 RD4 C . 2.40 2.15 -5.74
C6 RD4 C . 3.16 2.94 -6.58
C6 RD4 C . 3.16 2.94 -6.58
N1 RD4 C . 4.78 4.92 -7.87
N1 RD4 C . 4.79 4.92 -7.87
C7 RD4 C . 0.29 1.10 -5.17
C7 RD4 C . 0.29 1.10 -5.17
C8 RD4 C . -1.06 1.23 -5.47
C8 RD4 C . -1.06 1.23 -5.47
C RD4 C . 5.35 3.93 -7.21
C RD4 C . 5.35 3.93 -7.21
N RD4 C . 6.64 3.73 -7.31
N RD4 C . 6.64 3.73 -7.31
C1 RD4 C . 4.53 3.06 -6.35
C1 RD4 C . 4.53 3.06 -6.35
O RD4 C . 1.03 2.07 -5.93
O RD4 C . 1.03 2.07 -5.93
C3 RD4 C . 4.34 1.57 -4.47
C3 RD4 C . 4.34 1.57 -4.47
C2 RD4 C . 5.11 2.37 -5.29
C2 RD4 C . 5.11 2.37 -5.29
C4 RD4 D . 9.49 21.60 11.22
C4 RD4 D . 9.49 21.60 11.22
C5 RD4 D . 8.67 21.37 12.31
C5 RD4 D . 8.67 21.37 12.31
C6 RD4 D . 7.59 20.49 12.22
C6 RD4 D . 7.59 20.49 12.22
N1 RD4 D . 5.00 19.40 11.38
N1 RD4 D . 5.00 19.40 11.38
C7 RD4 D . 8.67 22.27 14.55
C7 RD4 D . 8.67 22.27 14.55
C8 RD4 D . 7.74 21.43 14.71
C8 RD4 D . 7.74 21.43 14.71
C RD4 D . 6.13 19.00 10.87
C RD4 D . 6.13 19.00 10.87
N RD4 D . 6.20 17.86 10.23
N RD4 D . 6.20 17.86 10.23
C1 RD4 D . 7.34 19.85 11.01
C1 RD4 D . 7.34 19.85 11.01
O RD4 D . 9.20 22.20 13.25
O RD4 D . 9.20 22.20 13.25
C3 RD4 D . 9.24 20.95 10.03
C3 RD4 D . 9.24 20.95 10.03
C2 RD4 D . 8.18 20.08 9.92
C2 RD4 D . 8.18 20.08 9.92
S DMS E . 0.94 6.13 -3.07
O DMS E . -0.42 6.12 -2.38
C1 DMS E . 0.78 5.96 -4.80
C2 DMS E . 1.76 4.64 -2.63
S DMS F . 5.81 7.81 -13.07
O DMS F . 6.00 6.36 -12.63
C1 DMS F . 4.25 8.33 -12.43
C2 DMS F . 5.46 7.78 -14.82
C1 GOL G . -4.99 2.98 18.17
C1 GOL G . -4.99 2.99 18.18
O1 GOL G . -6.16 2.28 17.75
O1 GOL G . -6.16 2.28 17.75
C2 GOL G . -4.90 4.38 17.61
C2 GOL G . -4.90 4.38 17.61
O2 GOL G . -6.03 5.11 18.06
O2 GOL G . -6.04 5.12 18.05
C3 GOL G . -3.62 5.08 18.01
C3 GOL G . -3.61 5.08 18.01
O3 GOL G . -3.53 5.23 19.42
O3 GOL G . -3.52 5.23 19.41
C1 GOL H . -16.44 11.14 -3.41
C1 GOL H . -16.05 11.36 -3.30
O1 GOL H . -17.37 12.24 -3.40
O1 GOL H . -15.11 12.20 -3.92
C2 GOL H . -16.68 10.17 -4.54
C2 GOL H . -16.43 10.23 -4.22
O2 GOL H . -16.64 10.82 -5.81
O2 GOL H . -17.23 10.71 -5.29
C3 GOL H . -15.60 9.11 -4.51
C3 GOL H . -15.18 9.55 -4.75
O3 GOL H . -14.40 9.63 -5.05
O3 GOL H . -14.73 10.14 -5.97
C1 GOL I . -7.76 29.43 8.42
C1 GOL I . -7.75 29.44 8.42
O1 GOL I . -6.86 29.77 9.47
O1 GOL I . -6.87 29.76 9.48
C2 GOL I . -7.38 28.11 7.83
C2 GOL I . -7.37 28.10 7.83
O2 GOL I . -7.03 28.26 6.46
O2 GOL I . -7.04 28.27 6.45
C3 GOL I . -8.44 27.06 8.03
C3 GOL I . -8.44 27.06 8.03
O3 GOL I . -8.19 25.92 7.22
O3 GOL I . -8.19 25.92 7.22
C ACT J . 6.51 18.39 10.38
C ACT J . 6.51 18.42 10.37
O ACT J . 5.61 18.96 11.03
O ACT J . 5.61 18.99 11.04
OXT ACT J . 6.36 17.31 9.77
OXT ACT J . 6.34 17.34 9.76
CH3 ACT J . 7.89 19.05 10.32
CH3 ACT J . 7.89 19.06 10.31
O1 PG4 K . 0.91 11.89 -2.25
O1 PG4 K . 0.90 11.90 -2.25
C1 PG4 K . 1.23 10.54 -1.98
C1 PG4 K . 1.23 10.55 -1.98
C2 PG4 K . 1.79 10.35 -0.60
C2 PG4 K . 1.79 10.36 -0.60
O2 PG4 K . 2.93 11.18 -0.43
O2 PG4 K . 2.94 11.18 -0.42
C3 PG4 K . 3.10 11.64 0.92
C3 PG4 K . 3.09 11.63 0.92
C4 PG4 K . 4.39 12.37 1.05
C4 PG4 K . 4.39 12.37 1.05
O3 PG4 K . 4.21 13.74 0.74
O3 PG4 K . 4.21 13.74 0.74
C5 PG4 K . 5.27 14.56 1.21
C5 PG4 K . 5.27 14.56 1.22
C6 PG4 K . 5.20 15.92 0.58
C6 PG4 K . 5.20 15.91 0.60
O4 PG4 K . 4.66 15.82 -0.73
O4 PG4 K . 4.69 15.81 -0.73
C7 PG4 K . 4.33 17.08 -1.30
C7 PG4 K . 4.32 17.07 -1.29
C8 PG4 K . 3.98 16.91 -2.74
C8 PG4 K . 3.97 16.90 -2.74
O5 PG4 K . 2.82 16.13 -2.92
O5 PG4 K . 2.82 16.12 -2.91
#